data_9F40
#
_entry.id   9F40
#
_cell.length_a   92.760
_cell.length_b   109.580
_cell.length_c   151.810
_cell.angle_alpha   90.000
_cell.angle_beta   90.000
_cell.angle_gamma   90.000
#
_symmetry.space_group_name_H-M   'P 21 2 21'
#
loop_
_entity.id
_entity.type
_entity.pdbx_description
1 polymer 'NPC intracellular sterol transporter 1-related protein 1'
2 branched alpha-D-mannopyranose-(1-2)-alpha-D-mannopyranose-(1-3)-alpha-D-mannopyranose-(1-6)-[alpha-D-mannopyranose-(1-3)]beta-D-mannopyranose-(1-4)-2-acetamido-2-deoxy-beta-D-glucopyranose-(1-4)-2-acetamido-2-deoxy-beta-D-glucopyranose
3 branched alpha-D-mannopyranose-(1-6)-beta-D-mannopyranose-(1-4)-2-acetamido-2-deoxy-beta-D-glucopyranose-(1-4)-2-acetamido-2-deoxy-beta-D-glucopyranose
4 branched alpha-D-mannopyranose-(1-2)-alpha-D-mannopyranose-(1-3)-[alpha-D-mannopyranose-(1-6)]beta-D-mannopyranose-(1-4)-2-acetamido-2-deoxy-beta-D-glucopyranose-(1-4)-2-acetamido-2-deoxy-beta-D-glucopyranose
5 branched alpha-D-mannopyranose-(1-2)-alpha-D-mannopyranose-(1-3)-alpha-D-mannopyranose-(1-6)-beta-D-mannopyranose-(1-4)-2-acetamido-2-deoxy-beta-D-glucopyranose-(1-4)-2-acetamido-2-deoxy-beta-D-glucopyranose
6 branched alpha-D-mannopyranose-(1-3)-beta-D-mannopyranose-(1-4)-2-acetamido-2-deoxy-beta-D-glucopyranose-(1-4)-2-acetamido-2-deoxy-beta-D-glucopyranose
7 branched alpha-D-mannopyranose-(1-3)-[alpha-D-mannopyranose-(1-6)]beta-D-mannopyranose-(1-4)-2-acetamido-2-deoxy-beta-D-glucopyranose-(1-4)-2-acetamido-2-deoxy-beta-D-glucopyranose
8 branched beta-D-mannopyranose-(1-4)-2-acetamido-2-deoxy-beta-D-glucopyranose-(1-4)-2-acetamido-2-deoxy-beta-D-glucopyranose
9 non-polymer ERGOSTEROL
10 non-polymer 'SULFATE ION'
11 non-polymer 'ZINC ION'
12 non-polymer DI(HYDROXYETHYL)ETHER
13 non-polymer ACETONITRILE
14 water water
#
_entity_poly.entity_id   1
_entity_poly.type   'polypeptide(L)'
_entity_poly.pdbx_seq_one_letter_code
;MNVLWIIALVGQLMRLVQGTATCAMYGNCGKKSVFGNELPCPVPRSFEPPVLSDETSKLLVEVCGEEWKEVRYACCTKDQ
VVALRDNLQKAQPLISSCPACLKNFNNLFCHFTCAADQGRFVNITKVEKSKEDKDIVAELDVFMNSSWASEFYDSCKNIK
FSATNGYAMDLIGGGAKNYSQFLKFLGDAKPMLGGSPFQINYKYDLANEEKEWQEFNDEVYACDDAQYKCACSDCQESCP
HLKPLVPR
;
_entity_poly.pdbx_strand_id   A,B,C,D
#
loop_
_chem_comp.id
_chem_comp.type
_chem_comp.name
_chem_comp.formula
BMA D-saccharide, beta linking beta-D-mannopyranose 'C6 H12 O6'
CCN non-polymer ACETONITRILE 'C2 H3 N'
ERG non-polymer ERGOSTEROL 'C28 H44 O'
MAN D-saccharide, alpha linking alpha-D-mannopyranose 'C6 H12 O6'
NAG D-saccharide, beta linking 2-acetamido-2-deoxy-beta-D-glucopyranose 'C8 H15 N O6'
PEG non-polymer DI(HYDROXYETHYL)ETHER 'C4 H10 O3'
SO4 non-polymer 'SULFATE ION' 'O4 S -2'
ZN non-polymer 'ZINC ION' 'Zn 2'
#
# COMPACT_ATOMS: atom_id res chain seq x y z
N THR A 20 22.27 33.63 -1.41
CA THR A 20 21.16 34.21 -2.15
C THR A 20 20.62 33.25 -3.21
N ALA A 21 20.99 31.98 -3.10
CA ALA A 21 20.65 30.96 -4.09
C ALA A 21 19.71 29.88 -3.54
N THR A 22 18.87 29.36 -4.43
CA THR A 22 18.03 28.18 -4.19
C THR A 22 18.05 27.32 -5.44
N CYS A 23 18.36 26.04 -5.29
CA CYS A 23 18.61 25.17 -6.42
C CYS A 23 17.68 23.96 -6.44
N ALA A 24 17.43 23.47 -7.65
CA ALA A 24 16.80 22.17 -7.82
C ALA A 24 17.82 21.04 -7.84
N MET A 25 19.01 21.33 -8.34
CA MET A 25 20.08 20.34 -8.43
C MET A 25 21.41 21.07 -8.34
N TYR A 26 22.43 20.36 -7.87
CA TYR A 26 23.77 20.93 -7.75
C TYR A 26 24.80 19.81 -7.88
N GLY A 27 25.73 19.97 -8.81
CA GLY A 27 26.75 18.97 -9.04
C GLY A 27 26.17 17.68 -9.63
N ASN A 28 27.05 16.69 -9.77
CA ASN A 28 26.70 15.41 -10.37
C ASN A 28 26.93 14.27 -9.39
N CYS A 29 26.15 13.20 -9.56
CA CYS A 29 26.14 12.07 -8.65
C CYS A 29 26.34 10.74 -9.38
N GLY A 30 27.14 10.74 -10.43
CA GLY A 30 27.50 9.52 -11.13
C GLY A 30 26.77 9.37 -12.45
N LYS A 31 27.09 8.27 -13.12
CA LYS A 31 26.59 7.98 -14.46
C LYS A 31 25.41 7.03 -14.39
N LYS A 32 24.52 7.12 -15.38
CA LYS A 32 23.41 6.19 -15.45
C LYS A 32 23.84 4.84 -16.00
N SER A 33 24.80 4.84 -16.93
CA SER A 33 25.35 3.61 -17.50
C SER A 33 26.78 3.89 -17.91
N VAL A 34 27.52 2.81 -18.18
CA VAL A 34 28.87 2.97 -18.69
C VAL A 34 28.77 3.65 -20.06
N PHE A 35 29.83 4.37 -20.44
CA PHE A 35 29.91 5.15 -21.67
C PHE A 35 29.01 6.37 -21.62
N GLY A 36 28.18 6.49 -20.58
CA GLY A 36 27.34 7.65 -20.41
C GLY A 36 28.08 8.82 -19.77
N ASN A 37 27.32 9.85 -19.44
CA ASN A 37 27.86 11.05 -18.83
C ASN A 37 27.34 11.21 -17.41
N GLU A 38 27.92 12.17 -16.70
CA GLU A 38 27.48 12.49 -15.35
C GLU A 38 26.10 13.15 -15.36
N LEU A 39 25.31 12.85 -14.34
CA LEU A 39 23.97 13.38 -14.22
C LEU A 39 23.82 14.10 -12.88
N PRO A 40 23.01 15.15 -12.81
CA PRO A 40 23.00 16.02 -11.63
C PRO A 40 22.32 15.40 -10.42
N CYS A 41 22.73 15.88 -9.22
CA CYS A 41 22.14 15.44 -7.96
C CYS A 41 20.99 16.36 -7.59
N PRO A 42 19.79 15.84 -7.32
CA PRO A 42 18.75 16.68 -6.71
C PRO A 42 19.16 17.12 -5.32
N VAL A 43 18.83 18.36 -4.97
CA VAL A 43 19.07 18.90 -3.64
C VAL A 43 17.78 19.47 -3.07
N PRO A 44 17.58 19.48 -1.76
CA PRO A 44 16.36 20.06 -1.20
C PRO A 44 16.35 21.57 -1.40
N ARG A 45 15.17 22.16 -1.15
CA ARG A 45 15.02 23.60 -1.35
C ARG A 45 15.83 24.41 -0.35
N SER A 46 16.05 23.87 0.86
CA SER A 46 16.83 24.59 1.85
C SER A 46 18.32 24.56 1.56
N PHE A 47 18.76 23.80 0.56
CA PHE A 47 20.18 23.76 0.22
C PHE A 47 20.63 25.09 -0.37
N GLU A 48 21.78 25.57 0.09
CA GLU A 48 22.41 26.75 -0.47
C GLU A 48 23.78 26.36 -1.00
N PRO A 49 24.11 26.69 -2.25
CA PRO A 49 25.40 26.32 -2.81
C PRO A 49 26.51 27.16 -2.24
N PRO A 50 27.77 26.71 -2.34
CA PRO A 50 28.89 27.54 -1.88
C PRO A 50 29.16 28.69 -2.82
N VAL A 51 30.13 29.53 -2.47
CA VAL A 51 30.55 30.61 -3.35
C VAL A 51 31.25 30.03 -4.57
N LEU A 52 31.02 30.65 -5.72
CA LEU A 52 31.71 30.23 -6.94
C LEU A 52 33.21 30.39 -6.78
N SER A 53 33.96 29.37 -7.19
CA SER A 53 35.40 29.51 -7.24
C SER A 53 35.78 30.51 -8.33
N ASP A 54 37.01 31.03 -8.22
CA ASP A 54 37.49 31.96 -9.23
C ASP A 54 37.48 31.31 -10.62
N GLU A 55 37.87 30.04 -10.68
CA GLU A 55 37.93 29.34 -11.96
C GLU A 55 36.54 29.15 -12.56
N THR A 56 35.57 28.75 -11.73
CA THR A 56 34.22 28.52 -12.24
C THR A 56 33.55 29.82 -12.65
N SER A 57 33.83 30.92 -11.94
CA SER A 57 33.22 32.21 -12.28
C SER A 57 33.74 32.73 -13.61
N LYS A 58 35.06 32.69 -13.82
CA LYS A 58 35.62 33.16 -15.08
C LYS A 58 35.16 32.31 -16.25
N LEU A 59 35.00 31.01 -16.03
CA LEU A 59 34.49 30.13 -17.08
C LEU A 59 33.02 30.43 -17.36
N LEU A 60 32.26 30.73 -16.32
CA LEU A 60 30.84 31.06 -16.48
C LEU A 60 30.66 32.34 -17.30
N VAL A 61 31.56 33.31 -17.11
CA VAL A 61 31.47 34.56 -17.86
C VAL A 61 31.81 34.33 -19.32
N GLU A 62 32.77 33.45 -19.59
CA GLU A 62 33.13 33.16 -20.98
C GLU A 62 32.01 32.43 -21.72
N VAL A 63 31.24 31.61 -21.00
CA VAL A 63 30.22 30.78 -21.66
C VAL A 63 28.88 31.50 -21.71
N CYS A 64 28.50 32.23 -20.66
CA CYS A 64 27.16 32.78 -20.54
C CYS A 64 27.08 34.29 -20.67
N GLY A 65 28.19 34.99 -20.83
CA GLY A 65 28.17 36.42 -21.05
C GLY A 65 28.56 37.22 -19.81
N GLU A 66 28.70 38.52 -20.03
CA GLU A 66 29.11 39.44 -18.99
C GLU A 66 28.06 39.67 -17.91
N GLU A 67 26.82 39.22 -18.11
CA GLU A 67 25.80 39.41 -17.08
C GLU A 67 26.01 38.52 -15.87
N TRP A 68 26.98 37.60 -15.91
CA TRP A 68 27.29 36.72 -14.79
C TRP A 68 28.55 37.14 -14.05
N LYS A 69 29.05 38.35 -14.29
CA LYS A 69 30.29 38.79 -13.67
C LYS A 69 30.16 38.86 -12.15
N GLU A 70 29.18 39.61 -11.65
CA GLU A 70 29.01 39.84 -10.23
C GLU A 70 28.22 38.74 -9.53
N VAL A 71 28.06 37.58 -10.16
CA VAL A 71 27.38 36.45 -9.53
C VAL A 71 28.38 35.68 -8.68
N ARG A 72 28.07 35.52 -7.40
CA ARG A 72 28.92 34.78 -6.48
C ARG A 72 28.36 33.42 -6.11
N TYR A 73 27.05 33.30 -5.98
CA TYR A 73 26.39 32.02 -5.67
C TYR A 73 25.62 31.57 -6.90
N ALA A 74 25.93 30.36 -7.37
CA ALA A 74 25.28 29.79 -8.54
C ALA A 74 24.87 28.35 -8.23
N CYS A 75 23.90 27.86 -9.00
CA CYS A 75 23.40 26.50 -8.84
C CYS A 75 24.15 25.50 -9.70
N CYS A 76 25.39 25.79 -10.10
CA CYS A 76 26.13 24.89 -10.97
C CYS A 76 27.58 24.82 -10.54
N THR A 77 28.18 23.64 -10.70
CA THR A 77 29.59 23.42 -10.46
C THR A 77 30.39 23.64 -11.74
N LYS A 78 31.72 23.52 -11.65
CA LYS A 78 32.55 23.70 -12.84
C LYS A 78 32.27 22.63 -13.89
N ASP A 79 32.10 21.37 -13.45
CA ASP A 79 31.80 20.31 -14.39
C ASP A 79 30.47 20.56 -15.12
N GLN A 80 29.49 21.12 -14.42
CA GLN A 80 28.23 21.45 -15.08
C GLN A 80 28.41 22.55 -16.12
N VAL A 81 29.21 23.57 -15.80
CA VAL A 81 29.49 24.64 -16.76
C VAL A 81 30.22 24.09 -17.98
N VAL A 82 31.14 23.14 -17.76
CA VAL A 82 31.89 22.56 -18.88
C VAL A 82 30.96 21.75 -19.77
N ALA A 83 30.08 20.94 -19.19
CA ALA A 83 29.11 20.20 -20.00
C ALA A 83 28.19 21.16 -20.75
N LEU A 84 27.82 22.27 -20.12
CA LEU A 84 27.02 23.28 -20.80
C LEU A 84 27.80 23.90 -21.96
N ARG A 85 29.10 24.13 -21.78
CA ARG A 85 29.90 24.72 -22.83
C ARG A 85 30.03 23.79 -24.02
N ASP A 86 30.28 22.50 -23.77
CA ASP A 86 30.47 21.55 -24.86
C ASP A 86 29.22 21.40 -25.71
N ASN A 87 28.03 21.49 -25.09
CA ASN A 87 26.81 21.33 -25.86
C ASN A 87 26.42 22.61 -26.57
N LEU A 88 26.64 23.77 -25.95
CA LEU A 88 26.35 25.04 -26.62
C LEU A 88 27.26 25.26 -27.81
N GLN A 89 28.49 24.74 -27.77
CA GLN A 89 29.42 24.92 -28.89
C GLN A 89 29.02 24.06 -30.09
N LYS A 90 28.33 22.95 -29.86
CA LYS A 90 27.84 22.15 -30.97
C LYS A 90 26.67 22.82 -31.68
N ALA A 91 25.81 23.50 -30.92
CA ALA A 91 24.66 24.17 -31.50
C ALA A 91 24.96 25.57 -31.99
N GLN A 92 26.08 26.16 -31.56
CA GLN A 92 26.39 27.54 -31.91
C GLN A 92 26.48 27.78 -33.42
N PRO A 93 27.20 26.97 -34.20
CA PRO A 93 27.29 27.26 -35.65
C PRO A 93 25.96 27.24 -36.36
N LEU A 94 24.95 26.54 -35.82
CA LEU A 94 23.65 26.49 -36.48
C LEU A 94 22.89 27.80 -36.38
N ILE A 95 23.20 28.64 -35.40
CA ILE A 95 22.44 29.86 -35.15
C ILE A 95 23.33 31.08 -34.95
N SER A 96 24.65 30.94 -35.10
CA SER A 96 25.56 32.05 -34.84
C SER A 96 25.34 33.22 -35.81
N SER A 97 24.78 32.97 -36.98
CA SER A 97 24.54 34.04 -37.94
C SER A 97 23.48 35.02 -37.44
N CYS A 98 22.66 34.63 -36.48
CA CYS A 98 21.62 35.49 -35.93
C CYS A 98 21.92 35.74 -34.46
N PRO A 99 22.47 36.91 -34.11
CA PRO A 99 22.83 37.16 -32.71
C PRO A 99 21.65 37.12 -31.75
N ALA A 100 20.46 37.56 -32.19
CA ALA A 100 19.31 37.56 -31.30
C ALA A 100 18.94 36.13 -30.90
N CYS A 101 18.92 35.21 -31.86
CA CYS A 101 18.63 33.81 -31.54
C CYS A 101 19.72 33.22 -30.66
N LEU A 102 20.99 33.50 -30.98
CA LEU A 102 22.09 32.97 -30.19
C LEU A 102 22.04 33.48 -28.76
N LYS A 103 21.73 34.77 -28.58
CA LYS A 103 21.64 35.34 -27.24
C LYS A 103 20.50 34.70 -26.45
N ASN A 104 19.32 34.59 -27.06
CA ASN A 104 18.19 33.95 -26.39
C ASN A 104 18.47 32.47 -26.13
N PHE A 105 19.11 31.80 -27.09
CA PHE A 105 19.41 30.37 -26.94
C PHE A 105 20.34 30.13 -25.76
N ASN A 106 21.47 30.84 -25.73
CA ASN A 106 22.43 30.66 -24.64
C ASN A 106 21.82 31.08 -23.31
N ASN A 107 21.01 32.15 -23.30
CA ASN A 107 20.47 32.67 -22.06
C ASN A 107 19.54 31.67 -21.38
N LEU A 108 18.80 30.89 -22.17
CA LEU A 108 17.90 29.89 -21.59
C LEU A 108 18.67 28.83 -20.82
N PHE A 109 19.60 28.16 -21.50
CA PHE A 109 20.30 27.04 -20.89
C PHE A 109 21.29 27.50 -19.82
N CYS A 110 21.78 28.74 -19.90
CA CYS A 110 22.64 29.26 -18.85
C CYS A 110 21.88 29.47 -17.54
N HIS A 111 20.68 30.05 -17.62
CA HIS A 111 19.86 30.18 -16.41
C HIS A 111 19.39 28.83 -15.90
N PHE A 112 19.04 27.91 -16.81
CA PHE A 112 18.59 26.60 -16.40
C PHE A 112 19.66 25.88 -15.58
N THR A 113 20.92 26.02 -15.97
CA THR A 113 22.02 25.31 -15.34
C THR A 113 22.56 26.01 -14.11
N CYS A 114 22.59 27.35 -14.11
CA CYS A 114 23.37 28.09 -13.13
C CYS A 114 22.62 29.16 -12.35
N ALA A 115 21.39 29.52 -12.72
CA ALA A 115 20.72 30.63 -12.08
C ALA A 115 20.55 30.39 -10.58
N ALA A 116 20.69 31.47 -9.80
CA ALA A 116 20.55 31.37 -8.35
C ALA A 116 19.12 31.15 -7.92
N ASP A 117 18.15 31.30 -8.82
CA ASP A 117 16.76 30.97 -8.53
C ASP A 117 16.30 29.74 -9.30
N GLN A 118 17.24 28.89 -9.71
CA GLN A 118 16.90 27.69 -10.48
C GLN A 118 15.88 26.83 -9.74
N GLY A 119 16.02 26.74 -8.42
CA GLY A 119 15.12 25.92 -7.63
C GLY A 119 13.68 26.39 -7.63
N ARG A 120 13.38 27.58 -8.16
CA ARG A 120 12.02 28.08 -8.17
C ARG A 120 11.32 27.97 -9.53
N PHE A 121 12.04 27.62 -10.60
CA PHE A 121 11.40 27.35 -11.88
C PHE A 121 11.78 25.99 -12.47
N VAL A 122 12.50 25.15 -11.73
CA VAL A 122 12.82 23.80 -12.15
C VAL A 122 12.37 22.85 -11.05
N ASN A 123 11.55 21.86 -11.42
CA ASN A 123 10.96 20.93 -10.46
C ASN A 123 11.34 19.52 -10.86
N ILE A 124 12.14 18.86 -10.00
CA ILE A 124 12.52 17.48 -10.24
C ILE A 124 11.30 16.59 -10.05
N THR A 125 11.01 15.75 -11.05
CA THR A 125 9.85 14.88 -10.99
C THR A 125 10.18 13.39 -10.99
N LYS A 126 11.38 13.00 -11.39
CA LYS A 126 11.75 11.59 -11.43
C LYS A 126 13.26 11.46 -11.28
N VAL A 127 13.70 10.48 -10.49
CA VAL A 127 15.11 10.21 -10.27
C VAL A 127 15.35 8.71 -10.43
N GLU A 128 16.63 8.36 -10.52
CA GLU A 128 17.04 6.96 -10.52
C GLU A 128 18.42 6.87 -9.89
N LYS A 129 18.87 5.64 -9.63
CA LYS A 129 20.15 5.40 -8.99
C LYS A 129 21.25 5.29 -10.03
N SER A 130 22.41 5.90 -9.73
CA SER A 130 23.56 5.86 -10.61
C SER A 130 24.48 4.70 -10.24
N LYS A 131 25.57 4.57 -10.98
CA LYS A 131 26.57 3.54 -10.68
C LYS A 131 27.25 3.82 -9.34
N GLU A 132 27.30 5.07 -8.92
CA GLU A 132 27.80 5.41 -7.59
C GLU A 132 26.74 5.23 -6.50
N ASP A 133 25.61 4.60 -6.86
CA ASP A 133 24.52 4.31 -5.92
C ASP A 133 23.95 5.59 -5.31
N LYS A 134 23.81 6.64 -6.12
CA LYS A 134 23.27 7.91 -5.67
C LYS A 134 22.13 8.34 -6.60
N ASP A 135 21.25 9.19 -6.06
CA ASP A 135 20.11 9.68 -6.83
C ASP A 135 20.58 10.68 -7.88
N ILE A 136 20.16 10.46 -9.13
CA ILE A 136 20.44 11.36 -10.23
C ILE A 136 19.13 11.70 -10.92
N VAL A 137 19.11 12.85 -11.60
CA VAL A 137 17.89 13.33 -12.25
C VAL A 137 17.54 12.44 -13.43
N ALA A 138 16.29 11.98 -13.47
CA ALA A 138 15.78 11.24 -14.61
C ALA A 138 14.76 12.03 -15.43
N GLU A 139 14.00 12.91 -14.79
CA GLU A 139 13.02 13.75 -15.47
C GLU A 139 12.73 14.96 -14.59
N LEU A 140 12.51 16.10 -15.23
CA LEU A 140 12.15 17.31 -14.50
C LEU A 140 11.22 18.16 -15.35
N ASP A 141 10.63 19.16 -14.71
CA ASP A 141 9.77 20.14 -15.35
C ASP A 141 10.41 21.51 -15.28
N VAL A 142 10.21 22.31 -16.33
CA VAL A 142 10.65 23.70 -16.35
C VAL A 142 9.40 24.55 -16.57
N PHE A 143 9.03 25.31 -15.55
CA PHE A 143 7.91 26.23 -15.70
C PHE A 143 8.35 27.40 -16.55
N MET A 144 7.66 27.60 -17.68
CA MET A 144 8.09 28.52 -18.72
C MET A 144 7.02 29.56 -19.00
N ASN A 145 7.44 30.82 -19.10
CA ASN A 145 6.54 31.90 -19.48
C ASN A 145 6.24 31.79 -20.98
N SER A 146 4.96 31.69 -21.33
CA SER A 146 4.56 31.53 -22.73
C SER A 146 5.11 32.65 -23.60
N SER A 147 5.00 33.90 -23.15
CA SER A 147 5.46 35.03 -23.94
C SER A 147 6.95 34.94 -24.25
N TRP A 148 7.76 34.51 -23.28
CA TRP A 148 9.18 34.39 -23.54
C TRP A 148 9.47 33.28 -24.54
N ALA A 149 8.82 32.12 -24.38
CA ALA A 149 9.04 31.01 -25.31
C ALA A 149 8.60 31.39 -26.72
N SER A 150 7.47 32.09 -26.84
CA SER A 150 6.97 32.50 -28.15
C SER A 150 7.94 33.44 -28.84
N GLU A 151 8.45 34.43 -28.11
CA GLU A 151 9.40 35.37 -28.70
C GLU A 151 10.74 34.69 -28.99
N PHE A 152 11.12 33.73 -28.15
CA PHE A 152 12.33 32.96 -28.40
C PHE A 152 12.22 32.18 -29.69
N TYR A 153 11.08 31.52 -29.94
CA TYR A 153 10.90 30.80 -31.19
C TYR A 153 10.88 31.75 -32.38
N ASP A 154 10.25 32.91 -32.22
CA ASP A 154 10.18 33.88 -33.31
C ASP A 154 11.56 34.38 -33.74
N SER A 155 12.56 34.31 -32.86
CA SER A 155 13.88 34.82 -33.20
C SER A 155 14.76 33.78 -33.90
N CYS A 156 14.34 32.52 -33.94
CA CYS A 156 15.14 31.46 -34.55
C CYS A 156 14.44 30.76 -35.70
N LYS A 157 13.13 30.96 -35.89
CA LYS A 157 12.38 30.13 -36.83
C LYS A 157 12.80 30.35 -38.28
N ASN A 158 13.28 31.55 -38.62
CA ASN A 158 13.55 31.90 -40.01
C ASN A 158 15.03 31.83 -40.36
N ILE A 159 15.87 31.27 -39.50
CA ILE A 159 17.30 31.20 -39.78
C ILE A 159 17.55 30.18 -40.89
N LYS A 160 18.22 30.61 -41.94
CA LYS A 160 18.64 29.72 -43.02
C LYS A 160 20.07 29.27 -42.78
N PHE A 161 20.29 27.97 -42.90
CA PHE A 161 21.63 27.42 -42.75
C PHE A 161 22.42 27.66 -44.03
N SER A 162 23.58 28.30 -43.90
CA SER A 162 24.34 28.75 -45.07
C SER A 162 24.62 27.60 -46.05
N ALA A 163 24.83 26.40 -45.53
CA ALA A 163 24.93 25.24 -46.41
C ALA A 163 23.54 24.91 -46.95
N THR A 164 23.42 24.89 -48.27
CA THR A 164 22.14 24.68 -48.96
C THR A 164 21.24 25.87 -48.59
N ASN A 165 19.93 25.64 -48.50
CA ASN A 165 19.01 26.70 -48.13
C ASN A 165 17.94 26.20 -47.17
N GLY A 166 18.29 25.24 -46.31
CA GLY A 166 17.35 24.76 -45.33
C GLY A 166 17.28 25.61 -44.08
N TYR A 167 16.23 25.38 -43.32
CA TYR A 167 15.99 26.11 -42.09
C TYR A 167 16.80 25.53 -40.93
N ALA A 168 17.40 26.40 -40.13
CA ALA A 168 18.13 25.94 -38.96
C ALA A 168 17.19 25.29 -37.95
N MET A 169 15.91 25.68 -37.96
CA MET A 169 14.91 25.08 -37.08
C MET A 169 14.73 23.59 -37.36
N ASP A 170 15.12 23.12 -38.53
CA ASP A 170 15.05 21.69 -38.83
C ASP A 170 16.04 20.88 -37.99
N LEU A 171 17.10 21.51 -37.49
CA LEU A 171 18.12 20.84 -36.69
C LEU A 171 17.98 21.12 -35.20
N ILE A 172 17.89 22.40 -34.80
CA ILE A 172 17.75 22.72 -33.39
C ILE A 172 16.33 22.53 -32.90
N GLY A 173 15.35 22.41 -33.79
CA GLY A 173 13.97 22.28 -33.38
C GLY A 173 13.24 21.12 -34.04
N GLY A 174 13.93 20.36 -34.87
CA GLY A 174 13.30 19.26 -35.57
C GLY A 174 12.21 19.67 -36.52
N GLY A 175 12.29 20.88 -37.06
CA GLY A 175 11.24 21.40 -37.92
C GLY A 175 10.03 21.88 -37.16
N ALA A 176 10.24 22.46 -35.98
CA ALA A 176 9.13 22.88 -35.14
C ALA A 176 8.37 24.04 -35.77
N LYS A 177 7.04 23.97 -35.66
CA LYS A 177 6.16 24.95 -36.26
C LYS A 177 5.64 25.97 -35.26
N ASN A 178 5.77 25.70 -33.97
CA ASN A 178 5.39 26.64 -32.92
C ASN A 178 6.35 26.47 -31.75
N TYR A 179 6.30 27.42 -30.82
CA TYR A 179 7.29 27.45 -29.74
C TYR A 179 7.23 26.22 -28.85
N SER A 180 6.04 25.66 -28.62
CA SER A 180 5.95 24.51 -27.72
C SER A 180 6.61 23.27 -28.34
N GLN A 181 6.45 23.08 -29.65
CA GLN A 181 7.16 21.99 -30.32
C GLN A 181 8.65 22.26 -30.35
N PHE A 182 9.06 23.53 -30.42
CA PHE A 182 10.47 23.88 -30.36
C PHE A 182 11.08 23.46 -29.02
N LEU A 183 10.47 23.92 -27.92
CA LEU A 183 10.99 23.57 -26.60
C LEU A 183 10.87 22.08 -26.32
N LYS A 184 9.85 21.42 -26.88
CA LYS A 184 9.74 19.97 -26.71
C LYS A 184 10.90 19.25 -27.36
N PHE A 185 11.33 19.73 -28.54
CA PHE A 185 12.50 19.12 -29.18
C PHE A 185 13.76 19.36 -28.36
N LEU A 186 13.91 20.55 -27.79
CA LEU A 186 15.10 20.84 -26.99
C LEU A 186 15.15 20.02 -25.72
N GLY A 187 13.99 19.73 -25.12
CA GLY A 187 13.94 19.09 -23.82
C GLY A 187 13.81 17.58 -23.83
N ASP A 188 13.38 17.00 -24.94
CA ASP A 188 13.25 15.55 -25.02
C ASP A 188 14.61 14.90 -24.91
N ALA A 189 14.68 13.80 -24.15
CA ALA A 189 15.94 13.15 -23.85
C ALA A 189 16.52 12.59 -25.14
N LYS A 190 17.59 13.20 -25.63
CA LYS A 190 18.30 12.72 -26.82
C LYS A 190 19.78 12.55 -26.51
N PRO A 191 20.14 11.58 -25.66
CA PRO A 191 21.56 11.32 -25.43
C PRO A 191 22.18 10.74 -26.69
N MET A 192 23.47 11.02 -26.86
CA MET A 192 24.29 10.60 -28.01
C MET A 192 23.99 11.45 -29.24
N LEU A 193 22.81 12.05 -29.31
CA LEU A 193 22.45 12.95 -30.40
C LEU A 193 22.69 14.41 -30.02
N GLY A 194 23.59 14.67 -29.07
CA GLY A 194 23.89 16.01 -28.62
C GLY A 194 22.76 16.72 -27.93
N GLY A 195 21.75 16.00 -27.45
CA GLY A 195 20.61 16.59 -26.78
C GLY A 195 20.70 16.50 -25.27
N SER A 196 19.53 16.53 -24.63
CA SER A 196 19.49 16.49 -23.17
C SER A 196 19.73 15.06 -22.68
N PRO A 197 20.55 14.90 -21.62
CA PRO A 197 20.79 13.54 -21.10
C PRO A 197 19.61 12.96 -20.34
N PHE A 198 18.61 13.78 -20.01
CA PHE A 198 17.41 13.32 -19.32
C PHE A 198 16.22 14.10 -19.87
N GLN A 199 15.03 13.66 -19.51
CA GLN A 199 13.80 14.23 -20.05
C GLN A 199 13.51 15.56 -19.37
N ILE A 200 13.38 16.62 -20.17
CA ILE A 200 13.03 17.96 -19.70
C ILE A 200 11.70 18.34 -20.33
N ASN A 201 10.69 18.53 -19.49
CA ASN A 201 9.35 18.91 -19.95
C ASN A 201 9.14 20.37 -19.61
N TYR A 202 8.83 21.18 -20.62
CA TYR A 202 8.53 22.59 -20.42
C TYR A 202 7.03 22.75 -20.18
N LYS A 203 6.67 23.32 -19.03
CA LYS A 203 5.28 23.51 -18.63
C LYS A 203 4.91 24.98 -18.72
N TYR A 204 3.74 25.25 -19.28
CA TYR A 204 3.25 26.60 -19.47
C TYR A 204 2.02 26.91 -18.63
N ASP A 205 1.59 25.97 -17.78
CA ASP A 205 0.34 26.08 -17.04
C ASP A 205 0.57 26.20 -15.53
N LEU A 206 1.60 26.91 -15.14
CA LEU A 206 1.87 27.11 -13.71
C LEU A 206 0.80 28.02 -13.12
N ALA A 207 0.12 27.53 -12.09
CA ALA A 207 -0.98 28.28 -11.49
C ALA A 207 -0.46 29.55 -10.82
N ASN A 208 -1.28 30.61 -10.89
CA ASN A 208 -0.92 31.87 -10.25
C ASN A 208 -0.92 31.76 -8.74
N GLU A 209 -1.69 30.83 -8.17
CA GLU A 209 -1.71 30.64 -6.72
C GLU A 209 -0.40 30.08 -6.19
N GLU A 210 0.40 29.42 -7.02
CA GLU A 210 1.68 28.88 -6.58
C GLU A 210 2.67 30.03 -6.39
N LYS A 211 3.02 30.31 -5.12
CA LYS A 211 3.99 31.34 -4.81
C LYS A 211 5.39 30.80 -4.56
N GLU A 212 5.52 29.52 -4.20
CA GLU A 212 6.82 28.89 -4.04
C GLU A 212 7.47 28.54 -5.37
N TRP A 213 6.74 28.64 -6.48
CA TRP A 213 7.28 28.43 -7.81
C TRP A 213 7.11 29.69 -8.63
N GLN A 214 7.91 29.81 -9.68
CA GLN A 214 7.80 30.90 -10.62
C GLN A 214 8.16 30.39 -12.01
N GLU A 215 7.72 31.11 -13.03
CA GLU A 215 8.03 30.77 -14.40
C GLU A 215 9.35 31.42 -14.81
N PHE A 216 10.09 30.72 -15.66
CA PHE A 216 11.29 31.33 -16.24
C PHE A 216 10.89 32.55 -17.07
N ASN A 217 11.57 33.66 -16.83
CA ASN A 217 11.33 34.87 -17.59
C ASN A 217 12.57 35.74 -17.55
N ASP A 218 12.90 36.35 -18.68
CA ASP A 218 14.11 37.16 -18.78
C ASP A 218 13.92 38.11 -19.96
N GLU A 219 14.92 38.96 -20.17
CA GLU A 219 14.96 39.76 -21.40
C GLU A 219 15.00 38.84 -22.60
N VAL A 220 14.21 39.17 -23.63
CA VAL A 220 14.20 38.41 -24.88
C VAL A 220 14.42 39.38 -26.05
N TYR A 221 15.18 38.93 -27.04
CA TYR A 221 15.60 39.77 -28.15
C TYR A 221 15.02 39.25 -29.46
N ALA A 222 14.32 40.12 -30.18
CA ALA A 222 13.80 39.76 -31.49
C ALA A 222 14.91 39.79 -32.53
N CYS A 223 14.70 39.03 -33.62
CA CYS A 223 15.72 38.92 -34.65
C CYS A 223 15.96 40.23 -35.39
N ASP A 224 15.04 41.19 -35.29
CA ASP A 224 15.22 42.51 -35.88
C ASP A 224 15.58 43.56 -34.84
N ASP A 225 15.98 43.15 -33.64
CA ASP A 225 16.39 44.09 -32.61
C ASP A 225 17.66 44.83 -33.02
N ALA A 226 17.73 46.11 -32.68
CA ALA A 226 18.85 46.95 -33.14
C ALA A 226 20.20 46.42 -32.64
N GLN A 227 20.25 46.01 -31.37
CA GLN A 227 21.53 45.58 -30.80
C GLN A 227 21.98 44.24 -31.37
N TYR A 228 21.04 43.31 -31.57
CA TYR A 228 21.39 41.98 -32.04
C TYR A 228 20.68 41.66 -33.35
N LYS A 229 20.76 42.56 -34.32
CA LYS A 229 20.00 42.42 -35.56
C LYS A 229 20.54 41.27 -36.40
N CYS A 230 19.63 40.52 -37.01
CA CYS A 230 19.97 39.44 -37.91
C CYS A 230 19.66 39.86 -39.34
N ALA A 231 20.29 39.17 -40.29
CA ALA A 231 20.09 39.49 -41.69
C ALA A 231 18.65 39.23 -42.11
N CYS A 232 18.21 39.96 -43.13
CA CYS A 232 16.86 39.76 -43.66
C CYS A 232 16.68 38.34 -44.20
N SER A 233 17.74 37.73 -44.70
CA SER A 233 17.64 36.34 -45.14
C SER A 233 17.31 35.40 -43.99
N ASP A 234 17.64 35.79 -42.77
CA ASP A 234 17.35 34.99 -41.58
C ASP A 234 16.23 35.57 -40.73
N CYS A 235 15.77 36.78 -41.03
CA CYS A 235 14.73 37.44 -40.23
C CYS A 235 13.82 38.22 -41.16
N GLN A 236 12.51 38.01 -41.03
CA GLN A 236 11.57 38.69 -41.92
C GLN A 236 11.35 40.14 -41.51
N GLU A 237 11.36 40.44 -40.21
CA GLU A 237 11.16 41.81 -39.76
C GLU A 237 12.38 42.69 -40.00
N SER A 238 13.53 42.10 -40.31
CA SER A 238 14.71 42.88 -40.66
C SER A 238 14.72 43.30 -42.12
N CYS A 239 13.79 42.78 -42.91
CA CYS A 239 13.67 43.14 -44.31
C CYS A 239 12.92 44.46 -44.43
N PRO A 240 13.21 45.26 -45.46
CA PRO A 240 12.44 46.49 -45.65
C PRO A 240 10.99 46.15 -45.93
N HIS A 241 10.09 46.83 -45.22
CA HIS A 241 8.67 46.52 -45.32
C HIS A 241 8.02 47.24 -46.49
N THR B 20 4.41 6.43 -3.04
CA THR B 20 5.81 6.24 -2.67
C THR B 20 6.20 7.08 -1.45
N ALA B 21 7.03 6.50 -0.58
CA ALA B 21 7.48 7.19 0.61
C ALA B 21 8.15 8.50 0.20
N THR B 22 7.70 9.60 0.82
CA THR B 22 8.27 10.91 0.58
C THR B 22 8.46 11.63 1.90
N CYS B 23 9.66 12.16 2.11
CA CYS B 23 10.05 12.70 3.40
C CYS B 23 10.47 14.15 3.26
N ALA B 24 10.28 14.92 4.33
CA ALA B 24 10.89 16.23 4.46
C ALA B 24 12.28 16.12 5.05
N MET B 25 12.49 15.13 5.91
CA MET B 25 13.77 14.92 6.57
C MET B 25 13.94 13.44 6.82
N TYR B 26 15.20 12.99 6.91
CA TYR B 26 15.50 11.59 7.17
C TYR B 26 16.85 11.50 7.86
N GLY B 27 16.89 10.81 9.00
CA GLY B 27 18.12 10.67 9.74
C GLY B 27 18.56 12.00 10.34
N ASN B 28 19.76 11.97 10.94
CA ASN B 28 20.32 13.13 11.61
C ASN B 28 21.67 13.50 11.01
N CYS B 29 22.01 14.80 11.12
CA CYS B 29 23.21 15.34 10.50
C CYS B 29 24.08 16.10 11.50
N GLY B 30 24.10 15.64 12.75
CA GLY B 30 24.97 16.21 13.76
C GLY B 30 24.22 17.09 14.74
N LYS B 31 24.97 17.60 15.71
CA LYS B 31 24.43 18.39 16.80
C LYS B 31 24.64 19.88 16.56
N LYS B 32 23.75 20.68 17.14
CA LYS B 32 23.92 22.13 17.12
C LYS B 32 24.94 22.58 18.16
N SER B 33 25.06 21.83 19.26
CA SER B 33 26.01 22.14 20.33
C SER B 33 26.51 20.83 20.92
N VAL B 34 27.60 20.94 21.70
CA VAL B 34 28.20 19.75 22.31
C VAL B 34 27.23 19.08 23.27
N PHE B 35 26.42 19.86 23.99
CA PHE B 35 25.51 19.30 24.97
C PHE B 35 24.12 19.04 24.40
N GLY B 36 23.84 19.46 23.18
CA GLY B 36 22.58 19.19 22.54
C GLY B 36 22.52 17.78 21.95
N ASN B 37 21.47 17.55 21.18
CA ASN B 37 21.26 16.26 20.53
C ASN B 37 21.42 16.42 19.02
N GLU B 38 21.47 15.28 18.33
CA GLU B 38 21.54 15.31 16.87
C GLU B 38 20.20 15.75 16.29
N LEU B 39 20.26 16.46 15.16
CA LEU B 39 19.12 17.07 14.51
C LEU B 39 18.96 16.55 13.07
N PRO B 40 17.73 16.51 12.55
CA PRO B 40 17.49 15.80 11.28
C PRO B 40 18.04 16.54 10.07
N CYS B 41 18.33 15.73 9.01
CA CYS B 41 18.80 16.22 7.71
C CYS B 41 17.62 16.47 6.79
N PRO B 42 17.47 17.68 6.23
CA PRO B 42 16.49 17.87 5.16
C PRO B 42 16.85 17.02 3.95
N VAL B 43 15.83 16.46 3.31
CA VAL B 43 16.04 15.66 2.11
C VAL B 43 15.14 16.20 1.00
N PRO B 44 15.53 16.08 -0.26
CA PRO B 44 14.66 16.55 -1.35
C PRO B 44 13.43 15.67 -1.47
N ARG B 45 12.45 16.17 -2.22
CA ARG B 45 11.17 15.45 -2.35
C ARG B 45 11.33 14.16 -3.13
N SER B 46 12.28 14.10 -4.07
CA SER B 46 12.50 12.88 -4.83
C SER B 46 13.21 11.80 -4.01
N PHE B 47 13.66 12.12 -2.81
CA PHE B 47 14.32 11.14 -1.97
C PHE B 47 13.34 10.06 -1.51
N GLU B 48 13.78 8.82 -1.58
CA GLU B 48 13.03 7.68 -1.06
C GLU B 48 13.82 7.00 0.03
N PRO B 49 13.25 6.78 1.21
CA PRO B 49 13.99 6.13 2.28
C PRO B 49 14.11 4.64 2.01
N PRO B 50 15.08 3.96 2.63
CA PRO B 50 15.20 2.51 2.43
C PRO B 50 14.12 1.74 3.17
N VAL B 51 14.13 0.42 2.99
CA VAL B 51 13.21 -0.43 3.73
C VAL B 51 13.62 -0.44 5.20
N LEU B 52 12.64 -0.45 6.09
CA LEU B 52 12.92 -0.54 7.51
C LEU B 52 13.63 -1.84 7.84
N SER B 53 14.68 -1.75 8.65
CA SER B 53 15.30 -2.95 9.17
C SER B 53 14.34 -3.66 10.13
N ASP B 54 14.59 -4.94 10.36
CA ASP B 54 13.77 -5.69 11.30
C ASP B 54 13.80 -5.07 12.69
N GLU B 55 14.96 -4.58 13.12
CA GLU B 55 15.09 -3.99 14.45
C GLU B 55 14.28 -2.70 14.56
N THR B 56 14.34 -1.85 13.53
CA THR B 56 13.63 -0.58 13.56
C THR B 56 12.12 -0.78 13.46
N SER B 57 11.67 -1.79 12.71
CA SER B 57 10.24 -2.04 12.58
C SER B 57 9.64 -2.53 13.90
N LYS B 58 10.29 -3.49 14.55
CA LYS B 58 9.78 -3.98 15.83
C LYS B 58 9.79 -2.88 16.89
N LEU B 59 10.80 -2.01 16.84
CA LEU B 59 10.83 -0.89 17.78
C LEU B 59 9.74 0.12 17.46
N LEU B 60 9.47 0.34 16.17
CA LEU B 60 8.40 1.27 15.79
C LEU B 60 7.04 0.78 16.23
N VAL B 61 6.82 -0.54 16.18
CA VAL B 61 5.54 -1.10 16.62
C VAL B 61 5.37 -0.97 18.12
N GLU B 62 6.47 -1.12 18.87
CA GLU B 62 6.40 -0.97 20.32
C GLU B 62 6.08 0.46 20.72
N VAL B 63 6.53 1.44 19.94
CA VAL B 63 6.38 2.84 20.30
C VAL B 63 5.09 3.44 19.74
N CYS B 64 4.69 3.06 18.53
CA CYS B 64 3.59 3.74 17.86
C CYS B 64 2.32 2.92 17.68
N GLY B 65 2.34 1.63 17.98
CA GLY B 65 1.14 0.84 17.91
C GLY B 65 1.17 -0.19 16.78
N GLU B 66 0.14 -1.03 16.79
CA GLU B 66 -0.01 -2.10 15.81
C GLU B 66 -0.36 -1.62 14.41
N GLU B 67 -0.71 -0.34 14.25
CA GLU B 67 -1.00 0.18 12.92
C GLU B 67 0.25 0.35 12.07
N TRP B 68 1.44 0.14 12.65
CA TRP B 68 2.70 0.24 11.91
C TRP B 68 3.32 -1.11 11.60
N LYS B 69 2.56 -2.20 11.73
CA LYS B 69 3.12 -3.53 11.48
C LYS B 69 3.54 -3.68 10.02
N GLU B 70 2.61 -3.48 9.10
CA GLU B 70 2.86 -3.73 7.68
C GLU B 70 3.47 -2.52 6.98
N VAL B 71 4.01 -1.56 7.73
CA VAL B 71 4.74 -0.44 7.14
C VAL B 71 6.18 -0.88 6.92
N ARG B 72 6.64 -0.81 5.67
CA ARG B 72 8.00 -1.18 5.30
C ARG B 72 8.87 0.02 4.96
N TYR B 73 8.32 1.07 4.37
CA TYR B 73 9.04 2.29 4.05
C TYR B 73 8.57 3.40 5.00
N ALA B 74 9.50 3.97 5.75
CA ALA B 74 9.20 5.02 6.71
C ALA B 74 10.22 6.14 6.57
N CYS B 75 9.83 7.32 7.03
CA CYS B 75 10.69 8.50 6.97
C CYS B 75 11.53 8.69 8.22
N CYS B 76 11.82 7.62 8.97
CA CYS B 76 12.57 7.75 10.20
C CYS B 76 13.57 6.61 10.34
N THR B 77 14.72 6.91 10.96
CA THR B 77 15.74 5.93 11.28
C THR B 77 15.51 5.36 12.68
N LYS B 78 16.37 4.43 13.08
CA LYS B 78 16.28 3.86 14.41
C LYS B 78 16.55 4.91 15.48
N ASP B 79 17.55 5.77 15.25
CA ASP B 79 17.85 6.83 16.20
C ASP B 79 16.67 7.78 16.36
N GLN B 80 15.96 8.07 15.26
CA GLN B 80 14.79 8.93 15.35
C GLN B 80 13.68 8.25 16.14
N VAL B 81 13.47 6.95 15.93
CA VAL B 81 12.47 6.22 16.69
C VAL B 81 12.83 6.19 18.17
N VAL B 82 14.12 6.04 18.47
CA VAL B 82 14.56 6.01 19.87
C VAL B 82 14.35 7.38 20.51
N ALA B 83 14.73 8.46 19.81
CA ALA B 83 14.48 9.79 20.33
C ALA B 83 12.98 10.05 20.50
N LEU B 84 12.18 9.54 19.57
CA LEU B 84 10.73 9.64 19.71
C LEU B 84 10.25 8.87 20.93
N ARG B 85 10.83 7.70 21.19
CA ARG B 85 10.43 6.89 22.33
C ARG B 85 10.79 7.58 23.65
N ASP B 86 12.00 8.12 23.75
CA ASP B 86 12.45 8.72 25.00
C ASP B 86 11.60 9.92 25.39
N ASN B 87 11.11 10.67 24.40
CA ASN B 87 10.31 11.85 24.71
C ASN B 87 8.85 11.48 24.98
N LEU B 88 8.32 10.48 24.28
CA LEU B 88 6.95 10.05 24.57
C LEU B 88 6.83 9.41 25.95
N GLN B 89 7.90 8.78 26.44
CA GLN B 89 7.86 8.15 27.75
C GLN B 89 7.85 9.18 28.87
N LYS B 90 8.40 10.37 28.62
CA LYS B 90 8.34 11.43 29.61
C LYS B 90 6.93 12.01 29.72
N ALA B 91 6.23 12.11 28.60
CA ALA B 91 4.88 12.65 28.57
C ALA B 91 3.81 11.59 28.82
N GLN B 92 4.16 10.30 28.70
CA GLN B 92 3.16 9.25 28.83
C GLN B 92 2.46 9.23 30.19
N PRO B 93 3.15 9.28 31.33
CA PRO B 93 2.43 9.22 32.61
C PRO B 93 1.47 10.38 32.83
N LEU B 94 1.67 11.52 32.16
CA LEU B 94 0.79 12.67 32.34
C LEU B 94 -0.57 12.46 31.70
N ILE B 95 -0.69 11.58 30.71
CA ILE B 95 -1.93 11.42 29.96
C ILE B 95 -2.32 9.96 29.85
N SER B 96 -1.56 9.08 30.52
CA SER B 96 -1.81 7.65 30.41
C SER B 96 -3.18 7.25 30.93
N SER B 97 -3.77 8.04 31.83
CA SER B 97 -5.07 7.71 32.39
C SER B 97 -6.20 7.80 31.36
N CYS B 98 -5.99 8.51 30.25
CA CYS B 98 -7.02 8.68 29.23
C CYS B 98 -6.54 8.06 27.91
N PRO B 99 -6.99 6.87 27.56
CA PRO B 99 -6.50 6.22 26.34
C PRO B 99 -6.77 7.02 25.07
N ALA B 100 -7.89 7.74 25.01
CA ALA B 100 -8.21 8.50 23.81
C ALA B 100 -7.19 9.61 23.57
N CYS B 101 -6.85 10.36 24.63
CA CYS B 101 -5.83 11.39 24.49
C CYS B 101 -4.46 10.79 24.20
N LEU B 102 -4.11 9.70 24.91
CA LEU B 102 -2.82 9.07 24.69
C LEU B 102 -2.67 8.58 23.26
N LYS B 103 -3.73 7.97 22.72
CA LYS B 103 -3.68 7.49 21.34
C LYS B 103 -3.53 8.64 20.36
N ASN B 104 -4.34 9.70 20.53
CA ASN B 104 -4.21 10.86 19.65
C ASN B 104 -2.85 11.54 19.81
N PHE B 105 -2.34 11.59 21.04
CA PHE B 105 -1.04 12.22 21.29
C PHE B 105 0.08 11.48 20.57
N ASN B 106 0.20 10.17 20.82
CA ASN B 106 1.26 9.39 20.19
C ASN B 106 1.08 9.35 18.68
N ASN B 107 -0.17 9.26 18.22
CA ASN B 107 -0.43 9.16 16.78
C ASN B 107 0.05 10.39 16.04
N LEU B 108 -0.04 11.57 16.66
CA LEU B 108 0.45 12.79 16.02
C LEU B 108 1.96 12.74 15.81
N PHE B 109 2.72 12.54 16.89
CA PHE B 109 4.17 12.60 16.78
C PHE B 109 4.74 11.38 16.05
N CYS B 110 4.03 10.25 16.08
CA CYS B 110 4.49 9.09 15.33
C CYS B 110 4.38 9.32 13.83
N HIS B 111 3.27 9.88 13.39
CA HIS B 111 3.13 10.23 11.98
C HIS B 111 4.09 11.35 11.60
N PHE B 112 4.28 12.32 12.50
CA PHE B 112 5.22 13.40 12.22
C PHE B 112 6.62 12.88 11.99
N THR B 113 7.04 11.89 12.79
CA THR B 113 8.41 11.41 12.71
C THR B 113 8.61 10.36 11.62
N CYS B 114 7.60 9.51 11.39
CA CYS B 114 7.81 8.29 10.62
C CYS B 114 6.87 8.08 9.44
N ALA B 115 5.81 8.86 9.28
CA ALA B 115 4.84 8.58 8.24
C ALA B 115 5.50 8.63 6.86
N ALA B 116 5.06 7.74 5.97
CA ALA B 116 5.63 7.67 4.63
C ALA B 116 5.25 8.86 3.76
N ASP B 117 4.28 9.67 4.18
CA ASP B 117 3.92 10.89 3.47
C ASP B 117 4.31 12.15 4.24
N GLN B 118 5.30 12.03 5.14
CA GLN B 118 5.71 13.17 5.96
C GLN B 118 6.10 14.37 5.11
N GLY B 119 6.76 14.13 3.99
CA GLY B 119 7.19 15.21 3.11
C GLY B 119 6.05 15.99 2.49
N ARG B 120 4.81 15.52 2.62
CA ARG B 120 3.67 16.21 2.02
C ARG B 120 2.86 17.01 3.03
N PHE B 121 3.12 16.87 4.33
CA PHE B 121 2.51 17.75 5.32
C PHE B 121 3.53 18.39 6.25
N VAL B 122 4.83 18.22 5.99
CA VAL B 122 5.88 18.90 6.73
C VAL B 122 6.76 19.65 5.75
N ASN B 123 6.94 20.95 5.98
CA ASN B 123 7.68 21.82 5.06
C ASN B 123 8.82 22.47 5.83
N ILE B 124 10.06 22.11 5.49
CA ILE B 124 11.22 22.71 6.10
C ILE B 124 11.33 24.16 5.66
N THR B 125 11.45 25.08 6.62
CA THR B 125 11.50 26.51 6.33
C THR B 125 12.80 27.19 6.72
N LYS B 126 13.60 26.59 7.59
CA LYS B 126 14.86 27.20 8.01
C LYS B 126 15.81 26.10 8.45
N VAL B 127 17.07 26.21 8.04
CA VAL B 127 18.10 25.25 8.40
C VAL B 127 19.32 26.00 8.92
N GLU B 128 20.22 25.24 9.53
CA GLU B 128 21.50 25.77 10.00
C GLU B 128 22.54 24.67 9.89
N LYS B 129 23.80 25.06 10.09
CA LYS B 129 24.92 24.11 9.99
C LYS B 129 25.20 23.49 11.35
N SER B 130 25.48 22.18 11.34
CA SER B 130 25.79 21.45 12.56
C SER B 130 27.31 21.43 12.77
N LYS B 131 27.73 20.77 13.86
CA LYS B 131 29.16 20.63 14.13
C LYS B 131 29.85 19.80 13.06
N GLU B 132 29.11 18.91 12.41
CA GLU B 132 29.62 18.14 11.28
C GLU B 132 29.56 18.93 9.96
N ASP B 133 29.25 20.22 10.04
CA ASP B 133 29.19 21.10 8.87
C ASP B 133 28.16 20.61 7.85
N LYS B 134 27.02 20.14 8.34
CA LYS B 134 25.93 19.68 7.49
C LYS B 134 24.65 20.39 7.89
N ASP B 135 23.72 20.44 6.93
CA ASP B 135 22.45 21.13 7.15
C ASP B 135 21.57 20.35 8.11
N ILE B 136 21.06 21.04 9.13
CA ILE B 136 20.11 20.45 10.07
C ILE B 136 18.90 21.37 10.19
N VAL B 137 17.77 20.77 10.56
CA VAL B 137 16.50 21.49 10.63
C VAL B 137 16.56 22.49 11.77
N ALA B 138 16.20 23.74 11.47
CA ALA B 138 16.04 24.78 12.48
C ALA B 138 14.60 25.19 12.69
N GLU B 139 13.77 25.12 11.65
CA GLU B 139 12.36 25.47 11.75
C GLU B 139 11.61 24.81 10.60
N LEU B 140 10.40 24.36 10.87
CA LEU B 140 9.56 23.75 9.85
C LEU B 140 8.10 24.07 10.13
N ASP B 141 7.26 23.84 9.13
CA ASP B 141 5.82 24.01 9.25
C ASP B 141 5.11 22.67 9.10
N VAL B 142 4.03 22.50 9.86
CA VAL B 142 3.18 21.32 9.78
C VAL B 142 1.78 21.78 9.43
N PHE B 143 1.32 21.44 8.22
CA PHE B 143 -0.05 21.76 7.83
C PHE B 143 -1.01 20.84 8.56
N MET B 144 -1.93 21.43 9.31
CA MET B 144 -2.77 20.69 10.25
C MET B 144 -4.24 20.90 9.91
N ASN B 145 -5.01 19.81 9.91
CA ASN B 145 -6.45 19.88 9.74
C ASN B 145 -7.07 20.42 11.03
N SER B 146 -7.80 21.53 10.92
CA SER B 146 -8.39 22.17 12.10
C SER B 146 -9.25 21.20 12.90
N SER B 147 -10.11 20.45 12.21
CA SER B 147 -10.99 19.52 12.91
C SER B 147 -10.21 18.46 13.70
N TRP B 148 -9.10 17.98 13.15
CA TRP B 148 -8.31 17.01 13.89
C TRP B 148 -7.67 17.64 15.12
N ALA B 149 -7.11 18.84 14.97
CA ALA B 149 -6.51 19.53 16.11
C ALA B 149 -7.54 19.86 17.17
N SER B 150 -8.74 20.27 16.75
CA SER B 150 -9.79 20.63 17.70
C SER B 150 -10.21 19.43 18.55
N GLU B 151 -10.41 18.27 17.91
CA GLU B 151 -10.80 17.09 18.66
C GLU B 151 -9.65 16.56 19.51
N PHE B 152 -8.41 16.71 19.03
CA PHE B 152 -7.25 16.30 19.82
C PHE B 152 -7.18 17.06 21.13
N TYR B 153 -7.36 18.38 21.08
CA TYR B 153 -7.40 19.18 22.30
C TYR B 153 -8.62 18.81 23.14
N ASP B 154 -9.75 18.57 22.47
CA ASP B 154 -10.99 18.22 23.17
C ASP B 154 -10.86 16.93 23.97
N SER B 155 -9.95 16.04 23.58
CA SER B 155 -9.77 14.76 24.26
C SER B 155 -8.75 14.82 25.39
N CYS B 156 -7.99 15.92 25.52
CA CYS B 156 -6.95 16.04 26.53
C CYS B 156 -7.18 17.19 27.50
N LYS B 157 -8.10 18.11 27.22
CA LYS B 157 -8.20 19.35 27.99
C LYS B 157 -8.63 19.09 29.43
N ASN B 158 -9.42 18.05 29.67
CA ASN B 158 -10.04 17.82 30.98
C ASN B 158 -9.33 16.74 31.78
N ILE B 159 -8.15 16.28 31.35
CA ILE B 159 -7.46 15.22 32.07
C ILE B 159 -6.91 15.77 33.39
N LYS B 160 -7.26 15.11 34.49
CA LYS B 160 -6.76 15.46 35.81
C LYS B 160 -5.60 14.54 36.19
N PHE B 161 -4.51 15.15 36.66
CA PHE B 161 -3.40 14.38 37.22
C PHE B 161 -3.72 14.03 38.66
N SER B 162 -3.69 12.72 38.98
CA SER B 162 -4.13 12.27 40.29
C SER B 162 -3.39 12.98 41.43
N ALA B 163 -2.12 13.31 41.22
CA ALA B 163 -1.39 14.12 42.18
C ALA B 163 -1.85 15.57 42.09
N THR B 164 -2.29 16.13 43.22
CA THR B 164 -2.80 17.49 43.38
C THR B 164 -4.12 17.73 42.63
N ASN B 165 -4.61 16.74 41.87
CA ASN B 165 -5.86 16.84 41.12
C ASN B 165 -5.85 18.04 40.15
N GLY B 166 -4.67 18.38 39.64
CA GLY B 166 -4.56 19.43 38.65
C GLY B 166 -4.81 18.94 37.24
N TYR B 167 -4.97 19.90 36.33
CA TYR B 167 -5.24 19.58 34.94
C TYR B 167 -3.95 19.16 34.23
N ALA B 168 -4.02 18.08 33.46
CA ALA B 168 -2.86 17.64 32.69
C ALA B 168 -2.51 18.64 31.60
N MET B 169 -3.50 19.38 31.09
CA MET B 169 -3.23 20.40 30.07
C MET B 169 -2.30 21.50 30.58
N ASP B 170 -2.21 21.68 31.91
CA ASP B 170 -1.29 22.66 32.45
C ASP B 170 0.17 22.27 32.24
N LEU B 171 0.46 20.98 32.02
CA LEU B 171 1.82 20.51 31.82
C LEU B 171 2.13 20.21 30.36
N ILE B 172 1.30 19.42 29.69
CA ILE B 172 1.56 19.09 28.29
C ILE B 172 1.17 20.22 27.34
N GLY B 173 0.39 21.18 27.80
CA GLY B 173 -0.07 22.26 26.93
C GLY B 173 0.18 23.63 27.51
N GLY B 174 0.77 23.68 28.70
CA GLY B 174 1.03 24.95 29.36
C GLY B 174 -0.23 25.70 29.73
N GLY B 175 -1.33 24.99 29.96
CA GLY B 175 -2.59 25.64 30.27
C GLY B 175 -3.29 26.24 29.08
N ALA B 176 -3.16 25.63 27.90
CA ALA B 176 -3.74 26.20 26.69
C ALA B 176 -5.27 26.12 26.76
N LYS B 177 -5.92 27.17 26.29
CA LYS B 177 -7.38 27.25 26.35
C LYS B 177 -8.06 26.85 25.04
N ASN B 178 -7.31 26.74 23.94
CA ASN B 178 -7.90 26.27 22.69
C ASN B 178 -6.86 25.43 21.96
N TYR B 179 -7.31 24.72 20.92
CA TYR B 179 -6.46 23.74 20.26
C TYR B 179 -5.22 24.38 19.64
N SER B 180 -5.34 25.60 19.12
CA SER B 180 -4.18 26.23 18.49
C SER B 180 -3.10 26.57 19.50
N GLN B 181 -3.50 27.03 20.70
CA GLN B 181 -2.52 27.25 21.75
C GLN B 181 -1.92 25.94 22.25
N PHE B 182 -2.69 24.85 22.21
CA PHE B 182 -2.17 23.55 22.59
C PHE B 182 -1.04 23.12 21.67
N LEU B 183 -1.29 23.10 20.36
CA LEU B 183 -0.28 22.70 19.39
C LEU B 183 0.90 23.66 19.37
N LYS B 184 0.66 24.95 19.63
CA LYS B 184 1.76 25.90 19.67
C LYS B 184 2.72 25.59 20.82
N PHE B 185 2.19 25.17 21.97
CA PHE B 185 3.05 24.76 23.07
C PHE B 185 3.87 23.52 22.71
N LEU B 186 3.25 22.56 22.03
CA LEU B 186 3.95 21.34 21.65
C LEU B 186 5.05 21.61 20.62
N GLY B 187 4.84 22.58 19.73
CA GLY B 187 5.76 22.80 18.64
C GLY B 187 6.83 23.85 18.89
N ASP B 188 6.62 24.71 19.89
CA ASP B 188 7.60 25.74 20.19
C ASP B 188 8.89 25.11 20.71
N ALA B 189 10.02 25.66 20.29
CA ALA B 189 11.33 25.08 20.57
C ALA B 189 11.61 25.15 22.07
N LYS B 190 11.61 24.00 22.72
CA LYS B 190 12.01 23.87 24.13
C LYS B 190 13.10 22.81 24.23
N PRO B 191 14.31 23.11 23.74
CA PRO B 191 15.40 22.13 23.82
C PRO B 191 15.81 21.84 25.25
N MET B 192 16.27 22.88 25.96
CA MET B 192 16.65 22.75 27.36
C MET B 192 15.59 22.03 28.19
N LEU B 193 14.33 22.09 27.78
CA LEU B 193 13.25 21.43 28.47
C LEU B 193 12.97 20.08 27.81
N GLY B 194 11.76 19.54 28.00
CA GLY B 194 11.41 18.27 27.43
C GLY B 194 10.66 18.39 26.11
N GLY B 195 10.80 19.53 25.44
CA GLY B 195 10.07 19.82 24.23
C GLY B 195 10.86 19.56 22.97
N SER B 196 10.47 20.25 21.90
CA SER B 196 11.06 20.08 20.57
C SER B 196 12.42 20.76 20.49
N PRO B 197 13.42 20.12 19.87
CA PRO B 197 14.74 20.75 19.74
C PRO B 197 14.79 21.88 18.73
N PHE B 198 13.75 22.02 17.90
CA PHE B 198 13.69 23.09 16.91
C PHE B 198 12.26 23.60 16.82
N GLN B 199 12.09 24.72 16.13
CA GLN B 199 10.80 25.38 16.08
C GLN B 199 9.86 24.64 15.12
N ILE B 200 8.71 24.23 15.63
CA ILE B 200 7.67 23.57 14.84
C ILE B 200 6.43 24.45 14.88
N ASN B 201 6.03 24.97 13.73
CA ASN B 201 4.85 25.83 13.60
C ASN B 201 3.74 25.03 12.92
N TYR B 202 2.59 24.95 13.59
CA TYR B 202 1.42 24.29 13.01
C TYR B 202 0.58 25.31 12.25
N LYS B 203 0.38 25.05 10.96
CA LYS B 203 -0.37 25.94 10.08
C LYS B 203 -1.73 25.32 9.75
N TYR B 204 -2.77 26.14 9.79
CA TYR B 204 -4.13 25.71 9.51
C TYR B 204 -4.69 26.34 8.25
N ASP B 205 -3.88 27.09 7.50
CA ASP B 205 -4.33 27.87 6.36
C ASP B 205 -3.74 27.36 5.04
N LEU B 206 -3.61 26.04 4.89
CA LEU B 206 -3.09 25.49 3.65
C LEU B 206 -4.10 25.69 2.53
N ALA B 207 -3.66 26.35 1.46
CA ALA B 207 -4.55 26.67 0.35
C ALA B 207 -5.04 25.41 -0.35
N ASN B 208 -6.30 25.45 -0.81
CA ASN B 208 -6.87 24.31 -1.52
C ASN B 208 -6.22 24.12 -2.88
N GLU B 209 -5.69 25.18 -3.48
CA GLU B 209 -5.02 25.06 -4.77
C GLU B 209 -3.72 24.28 -4.68
N GLU B 210 -3.10 24.25 -3.51
CA GLU B 210 -1.86 23.50 -3.31
C GLU B 210 -2.15 22.00 -3.32
N LYS B 211 -1.72 21.32 -4.37
CA LYS B 211 -1.91 19.88 -4.49
C LYS B 211 -0.67 19.09 -4.11
N GLU B 212 0.52 19.70 -4.17
CA GLU B 212 1.75 19.06 -3.75
C GLU B 212 1.91 19.02 -2.24
N TRP B 213 1.06 19.73 -1.49
CA TRP B 213 1.03 19.68 -0.04
C TRP B 213 -0.34 19.18 0.40
N GLN B 214 -0.40 18.68 1.63
CA GLN B 214 -1.65 18.26 2.23
C GLN B 214 -1.58 18.52 3.72
N GLU B 215 -2.76 18.61 4.35
CA GLU B 215 -2.84 18.80 5.78
C GLU B 215 -2.80 17.45 6.49
N PHE B 216 -2.16 17.42 7.66
CA PHE B 216 -2.20 16.21 8.46
C PHE B 216 -3.63 15.90 8.88
N ASN B 217 -4.04 14.67 8.65
CA ASN B 217 -5.36 14.21 9.06
C ASN B 217 -5.31 12.70 9.22
N ASP B 218 -5.97 12.21 10.25
CA ASP B 218 -5.93 10.80 10.59
C ASP B 218 -7.17 10.48 11.40
N GLU B 219 -7.30 9.23 11.81
CA GLU B 219 -8.31 8.85 12.78
C GLU B 219 -8.10 9.66 14.06
N VAL B 220 -9.19 10.19 14.62
CA VAL B 220 -9.15 10.90 15.88
C VAL B 220 -10.19 10.28 16.80
N TYR B 221 -9.83 10.14 18.07
CA TYR B 221 -10.64 9.41 19.03
C TYR B 221 -11.14 10.35 20.11
N ALA B 222 -12.45 10.39 20.29
CA ALA B 222 -13.06 11.15 21.36
C ALA B 222 -12.89 10.41 22.68
N CYS B 223 -12.97 11.17 23.78
CA CYS B 223 -12.75 10.59 25.10
C CYS B 223 -13.82 9.57 25.46
N ASP B 224 -14.97 9.62 24.79
CA ASP B 224 -16.05 8.68 25.03
C ASP B 224 -16.15 7.62 23.94
N ASP B 225 -15.10 7.48 23.12
CA ASP B 225 -15.08 6.44 22.11
C ASP B 225 -15.04 5.08 22.80
N ALA B 226 -15.76 4.11 22.22
CA ALA B 226 -15.89 2.81 22.88
C ALA B 226 -14.53 2.16 23.09
N GLN B 227 -13.65 2.23 22.09
CA GLN B 227 -12.37 1.53 22.18
C GLN B 227 -11.44 2.20 23.19
N TYR B 228 -11.42 3.53 23.22
CA TYR B 228 -10.49 4.23 24.10
C TYR B 228 -11.22 5.16 25.07
N LYS B 229 -12.23 4.65 25.76
CA LYS B 229 -13.04 5.50 26.63
C LYS B 229 -12.25 5.92 27.86
N CYS B 230 -12.41 7.18 28.25
CA CYS B 230 -11.79 7.73 29.44
C CYS B 230 -12.85 7.95 30.51
N ALA B 231 -12.40 8.03 31.75
CA ALA B 231 -13.31 8.18 32.87
C ALA B 231 -14.03 9.51 32.82
N CYS B 232 -15.23 9.55 33.43
CA CYS B 232 -15.97 10.81 33.53
C CYS B 232 -15.19 11.84 34.33
N SER B 233 -14.34 11.39 35.26
CA SER B 233 -13.50 12.31 36.01
C SER B 233 -12.52 13.06 35.11
N ASP B 234 -12.17 12.48 33.96
CA ASP B 234 -11.26 13.13 33.03
C ASP B 234 -11.94 13.67 31.78
N CYS B 235 -13.21 13.32 31.53
CA CYS B 235 -13.86 13.80 30.32
C CYS B 235 -15.34 14.04 30.57
N GLN B 236 -15.85 15.13 29.97
CA GLN B 236 -17.24 15.51 30.17
C GLN B 236 -18.21 14.62 29.40
N GLU B 237 -17.81 14.13 28.21
CA GLU B 237 -18.72 13.30 27.42
C GLU B 237 -18.91 11.90 27.99
N SER B 238 -18.05 11.47 28.92
CA SER B 238 -18.20 10.15 29.55
C SER B 238 -19.16 10.15 30.74
N CYS B 239 -19.60 11.32 31.20
CA CYS B 239 -20.49 11.39 32.34
C CYS B 239 -21.94 11.15 31.92
N PRO B 240 -22.75 10.56 32.79
CA PRO B 240 -24.16 10.32 32.46
C PRO B 240 -24.92 11.63 32.29
N HIS B 241 -25.67 11.73 31.20
CA HIS B 241 -26.44 12.92 30.87
C HIS B 241 -27.93 12.72 31.13
N THR C 20 -1.20 -6.83 2.71
CA THR C 20 -2.26 -6.41 1.81
C THR C 20 -2.55 -7.46 0.74
N ALA C 21 -2.13 -8.68 1.00
CA ALA C 21 -2.24 -9.79 0.06
C ALA C 21 -3.17 -10.88 0.57
N THR C 22 -4.13 -11.29 -0.25
CA THR C 22 -4.99 -12.44 0.01
C THR C 22 -5.14 -13.22 -1.28
N CYS C 23 -4.88 -14.52 -1.23
CA CYS C 23 -4.77 -15.33 -2.44
C CYS C 23 -5.73 -16.51 -2.41
N ALA C 24 -6.13 -16.94 -3.62
CA ALA C 24 -6.80 -18.21 -3.80
C ALA C 24 -5.80 -19.35 -3.98
N MET C 25 -4.66 -19.05 -4.59
CA MET C 25 -3.62 -20.04 -4.86
C MET C 25 -2.27 -19.33 -4.86
N TYR C 26 -1.22 -20.10 -4.54
CA TYR C 26 0.13 -19.54 -4.52
C TYR C 26 1.13 -20.64 -4.82
N GLY C 27 1.98 -20.40 -5.82
CA GLY C 27 2.97 -21.39 -6.20
C GLY C 27 2.33 -22.62 -6.83
N ASN C 28 3.18 -23.60 -7.09
CA ASN C 28 2.77 -24.85 -7.73
C ASN C 28 3.07 -26.04 -6.84
N CYS C 29 2.27 -27.10 -7.01
CA CYS C 29 2.30 -28.30 -6.18
C CYS C 29 2.43 -29.56 -7.03
N GLY C 30 3.16 -29.47 -8.13
CA GLY C 30 3.44 -30.64 -8.94
C GLY C 30 2.62 -30.68 -10.22
N LYS C 31 2.89 -31.72 -11.00
CA LYS C 31 2.27 -31.90 -12.31
C LYS C 31 1.11 -32.89 -12.23
N LYS C 32 0.15 -32.72 -13.13
CA LYS C 32 -0.93 -33.67 -13.28
C LYS C 32 -0.50 -34.90 -14.07
N SER C 33 0.45 -34.72 -15.00
CA SER C 33 0.98 -35.81 -15.80
C SER C 33 2.46 -35.53 -16.07
N VAL C 34 3.15 -36.57 -16.55
CA VAL C 34 4.59 -36.45 -16.83
C VAL C 34 4.86 -35.39 -17.90
N PHE C 35 4.03 -35.34 -18.94
CA PHE C 35 4.23 -34.39 -20.03
C PHE C 35 3.55 -33.05 -19.78
N GLY C 36 2.77 -32.93 -18.70
CA GLY C 36 2.12 -31.68 -18.38
C GLY C 36 3.05 -30.71 -17.69
N ASN C 37 2.45 -29.62 -17.20
CA ASN C 37 3.14 -28.54 -16.51
C ASN C 37 2.76 -28.50 -15.04
N GLU C 38 3.45 -27.64 -14.31
CA GLU C 38 3.13 -27.42 -12.91
C GLU C 38 1.77 -26.75 -12.76
N LEU C 39 1.06 -27.12 -11.70
CA LEU C 39 -0.27 -26.61 -11.41
C LEU C 39 -0.31 -25.99 -10.02
N PRO C 40 -1.13 -24.97 -9.81
CA PRO C 40 -1.06 -24.17 -8.58
C PRO C 40 -1.62 -24.90 -7.36
N CYS C 41 -1.11 -24.48 -6.15
CA CYS C 41 -1.56 -24.96 -4.85
C CYS C 41 -2.67 -24.05 -4.31
N PRO C 42 -3.83 -24.59 -3.96
CA PRO C 42 -4.81 -23.77 -3.21
C PRO C 42 -4.24 -23.38 -1.85
N VAL C 43 -4.53 -22.16 -1.44
CA VAL C 43 -4.12 -21.68 -0.13
C VAL C 43 -5.34 -21.15 0.62
N PRO C 44 -5.37 -21.22 1.94
CA PRO C 44 -6.53 -20.69 2.68
C PRO C 44 -6.58 -19.17 2.58
N ARG C 45 -7.73 -18.63 3.00
CA ARG C 45 -7.93 -17.18 2.91
C ARG C 45 -7.00 -16.44 3.87
N SER C 46 -6.65 -17.04 5.00
CA SER C 46 -5.74 -16.42 5.95
C SER C 46 -4.28 -16.48 5.52
N PHE C 47 -3.96 -17.19 4.43
CA PHE C 47 -2.59 -17.26 3.96
C PHE C 47 -2.13 -15.91 3.43
N GLU C 48 -0.92 -15.52 3.80
CA GLU C 48 -0.30 -14.31 3.28
C GLU C 48 0.99 -14.69 2.57
N PRO C 49 1.18 -14.27 1.32
CA PRO C 49 2.40 -14.61 0.60
C PRO C 49 3.60 -13.83 1.10
N PRO C 50 4.82 -14.29 0.82
CA PRO C 50 6.00 -13.52 1.22
C PRO C 50 6.19 -12.30 0.35
N VAL C 51 7.20 -11.49 0.67
CA VAL C 51 7.55 -10.33 -0.15
C VAL C 51 8.12 -10.80 -1.48
N LEU C 52 7.79 -10.09 -2.55
CA LEU C 52 8.36 -10.40 -3.85
C LEU C 52 9.88 -10.23 -3.82
N SER C 53 10.58 -11.21 -4.38
CA SER C 53 12.01 -11.04 -4.57
C SER C 53 12.27 -9.97 -5.62
N ASP C 54 13.49 -9.42 -5.58
CA ASP C 54 13.86 -8.41 -6.56
C ASP C 54 13.76 -8.97 -7.97
N GLU C 55 14.15 -10.23 -8.17
CA GLU C 55 14.08 -10.84 -9.49
C GLU C 55 12.64 -11.01 -9.95
N THR C 56 11.75 -11.48 -9.06
CA THR C 56 10.36 -11.69 -9.46
C THR C 56 9.65 -10.36 -9.70
N SER C 57 10.00 -9.32 -8.93
CA SER C 57 9.35 -8.02 -9.12
C SER C 57 9.76 -7.39 -10.44
N LYS C 58 11.06 -7.40 -10.75
CA LYS C 58 11.50 -6.84 -12.03
C LYS C 58 10.94 -7.64 -13.20
N LEU C 59 10.81 -8.96 -13.03
CA LEU C 59 10.19 -9.78 -14.06
C LEU C 59 8.71 -9.49 -14.19
N LEU C 60 8.04 -9.23 -13.06
CA LEU C 60 6.62 -8.91 -13.08
C LEU C 60 6.38 -7.60 -13.82
N VAL C 61 7.29 -6.64 -13.68
CA VAL C 61 7.16 -5.38 -14.41
C VAL C 61 7.43 -5.58 -15.89
N GLU C 62 8.33 -6.49 -16.25
CA GLU C 62 8.59 -6.75 -17.66
C GLU C 62 7.39 -7.39 -18.35
N VAL C 63 6.64 -8.23 -17.64
CA VAL C 63 5.54 -8.96 -18.25
C VAL C 63 4.24 -8.17 -18.17
N CYS C 64 4.02 -7.48 -17.06
CA CYS C 64 2.79 -6.77 -16.79
C CYS C 64 3.09 -5.28 -16.86
N GLY C 65 2.06 -4.46 -16.69
CA GLY C 65 2.25 -3.02 -16.77
C GLY C 65 3.20 -2.46 -15.72
N GLU C 66 3.50 -1.16 -15.89
CA GLU C 66 4.33 -0.43 -14.94
C GLU C 66 3.61 -0.20 -13.62
N GLU C 67 2.32 -0.51 -13.56
CA GLU C 67 1.50 -0.40 -12.37
C GLU C 67 1.88 -1.41 -11.31
N TRP C 68 2.84 -2.30 -11.59
CA TRP C 68 3.30 -3.28 -10.61
C TRP C 68 4.64 -2.91 -10.01
N LYS C 69 5.10 -1.66 -10.19
CA LYS C 69 6.41 -1.27 -9.67
C LYS C 69 6.46 -1.33 -8.15
N GLU C 70 5.58 -0.58 -7.49
CA GLU C 70 5.60 -0.54 -6.03
C GLU C 70 4.77 -1.63 -5.38
N VAL C 71 4.43 -2.68 -6.14
CA VAL C 71 3.77 -3.84 -5.56
C VAL C 71 4.83 -4.74 -4.96
N ARG C 72 4.72 -5.02 -3.66
CA ARG C 72 5.67 -5.85 -2.95
C ARG C 72 5.14 -7.23 -2.61
N TYR C 73 3.85 -7.36 -2.32
CA TYR C 73 3.21 -8.64 -2.02
C TYR C 73 2.29 -9.00 -3.19
N ALA C 74 2.53 -10.16 -3.79
CA ALA C 74 1.74 -10.65 -4.91
C ALA C 74 1.38 -12.10 -4.67
N CYS C 75 0.33 -12.56 -5.36
CA CYS C 75 -0.15 -13.93 -5.22
C CYS C 75 0.50 -14.88 -6.22
N CYS C 76 1.69 -14.56 -6.71
CA CYS C 76 2.34 -15.41 -7.71
C CYS C 76 3.83 -15.52 -7.40
N THR C 77 4.38 -16.68 -7.71
CA THR C 77 5.80 -16.94 -7.58
C THR C 77 6.51 -16.61 -8.90
N LYS C 78 7.84 -16.76 -8.92
CA LYS C 78 8.60 -16.50 -10.13
C LYS C 78 8.20 -17.48 -11.24
N ASP C 79 8.01 -18.76 -10.89
CA ASP C 79 7.58 -19.73 -11.89
C ASP C 79 6.23 -19.38 -12.48
N GLN C 80 5.31 -18.87 -11.65
CA GLN C 80 4.00 -18.48 -12.16
C GLN C 80 4.10 -17.29 -13.11
N VAL C 81 4.94 -16.31 -12.78
CA VAL C 81 5.15 -15.17 -13.68
C VAL C 81 5.79 -15.64 -14.98
N VAL C 82 6.70 -16.60 -14.90
CA VAL C 82 7.35 -17.12 -16.11
C VAL C 82 6.33 -17.85 -16.98
N ALA C 83 5.52 -18.71 -16.36
CA ALA C 83 4.47 -19.40 -17.11
C ALA C 83 3.49 -18.40 -17.72
N LEU C 84 3.20 -17.33 -16.99
CA LEU C 84 2.36 -16.26 -17.52
C LEU C 84 3.02 -15.59 -18.71
N ARG C 85 4.35 -15.40 -18.65
CA ARG C 85 5.06 -14.75 -19.74
C ARG C 85 5.05 -15.60 -21.00
N ASP C 86 5.30 -16.91 -20.87
CA ASP C 86 5.39 -17.77 -22.04
C ASP C 86 4.06 -17.82 -22.79
N ASN C 87 2.94 -17.78 -22.07
CA ASN C 87 1.64 -17.83 -22.72
C ASN C 87 1.22 -16.47 -23.27
N LEU C 88 1.54 -15.39 -22.56
CA LEU C 88 1.23 -14.06 -23.07
C LEU C 88 2.04 -13.74 -24.32
N GLN C 89 3.26 -14.27 -24.43
CA GLN C 89 4.07 -13.98 -25.61
C GLN C 89 3.57 -14.71 -26.84
N LYS C 90 2.90 -15.85 -26.66
CA LYS C 90 2.31 -16.54 -27.81
C LYS C 90 1.09 -15.81 -28.33
N ALA C 91 0.31 -15.18 -27.44
CA ALA C 91 -0.88 -14.45 -27.86
C ALA C 91 -0.58 -13.00 -28.25
N GLN C 92 0.59 -12.49 -27.87
CA GLN C 92 0.92 -11.09 -28.14
C GLN C 92 0.90 -10.74 -29.62
N PRO C 93 1.52 -11.49 -30.53
CA PRO C 93 1.49 -11.09 -31.95
C PRO C 93 0.10 -11.05 -32.55
N LEU C 94 -0.87 -11.78 -31.98
CA LEU C 94 -2.22 -11.79 -32.54
C LEU C 94 -2.98 -10.50 -32.28
N ILE C 95 -2.62 -9.74 -31.25
CA ILE C 95 -3.40 -8.58 -30.85
C ILE C 95 -2.51 -7.35 -30.67
N SER C 96 -1.23 -7.48 -31.02
CA SER C 96 -0.28 -6.39 -30.79
C SER C 96 -0.62 -5.14 -31.59
N SER C 97 -1.36 -5.26 -32.70
CA SER C 97 -1.70 -4.10 -33.50
C SER C 97 -2.67 -3.16 -32.80
N CYS C 98 -3.40 -3.63 -31.78
CA CYS C 98 -4.36 -2.81 -31.07
C CYS C 98 -3.95 -2.70 -29.60
N PRO C 99 -3.35 -1.57 -29.20
CA PRO C 99 -2.87 -1.44 -27.81
C PRO C 99 -3.97 -1.57 -26.77
N ALA C 100 -5.18 -1.11 -27.06
CA ALA C 100 -6.26 -1.19 -26.09
C ALA C 100 -6.61 -2.64 -25.77
N CYS C 101 -6.72 -3.48 -26.81
CA CYS C 101 -6.99 -4.89 -26.58
C CYS C 101 -5.82 -5.57 -25.86
N LEU C 102 -4.59 -5.27 -26.29
CA LEU C 102 -3.42 -5.88 -25.65
C LEU C 102 -3.35 -5.51 -24.16
N LYS C 103 -3.58 -4.24 -23.85
CA LYS C 103 -3.54 -3.82 -22.44
C LYS C 103 -4.64 -4.48 -21.63
N ASN C 104 -5.86 -4.50 -22.16
CA ASN C 104 -6.95 -5.18 -21.47
C ASN C 104 -6.67 -6.68 -21.35
N PHE C 105 -6.09 -7.27 -22.39
CA PHE C 105 -5.78 -8.71 -22.38
C PHE C 105 -4.76 -9.05 -21.30
N ASN C 106 -3.61 -8.37 -21.32
CA ASN C 106 -2.58 -8.65 -20.33
C ASN C 106 -3.06 -8.31 -18.92
N ASN C 107 -3.81 -7.22 -18.78
CA ASN C 107 -4.27 -6.82 -17.45
C ASN C 107 -5.18 -7.86 -16.83
N LEU C 108 -5.99 -8.55 -17.64
CA LEU C 108 -6.85 -9.60 -17.11
C LEU C 108 -6.03 -10.73 -16.50
N PHE C 109 -5.13 -11.32 -17.28
CA PHE C 109 -4.37 -12.47 -16.81
C PHE C 109 -3.32 -12.09 -15.80
N CYS C 110 -2.83 -10.84 -15.83
CA CYS C 110 -1.87 -10.41 -14.83
C CYS C 110 -2.52 -10.32 -13.46
N HIS C 111 -3.72 -9.75 -13.38
CA HIS C 111 -4.45 -9.71 -12.12
C HIS C 111 -4.89 -11.10 -11.69
N PHE C 112 -5.32 -11.93 -12.64
CA PHE C 112 -5.71 -13.29 -12.29
C PHE C 112 -4.56 -14.04 -11.64
N THR C 113 -3.34 -13.84 -12.15
CA THR C 113 -2.20 -14.62 -11.69
C THR C 113 -1.55 -14.01 -10.44
N CYS C 114 -1.51 -12.68 -10.35
CA CYS C 114 -0.62 -12.03 -9.39
C CYS C 114 -1.26 -11.01 -8.47
N ALA C 115 -2.51 -10.60 -8.70
CA ALA C 115 -3.09 -9.53 -7.90
C ALA C 115 -3.13 -9.89 -6.42
N ALA C 116 -2.91 -8.89 -5.57
CA ALA C 116 -2.90 -9.10 -4.13
C ALA C 116 -4.28 -9.37 -3.55
N ASP C 117 -5.35 -9.14 -4.32
CA ASP C 117 -6.71 -9.47 -3.89
C ASP C 117 -7.29 -10.64 -4.68
N GLN C 118 -6.42 -11.49 -5.24
CA GLN C 118 -6.88 -12.59 -6.07
C GLN C 118 -7.88 -13.49 -5.31
N GLY C 119 -7.63 -13.71 -4.02
CA GLY C 119 -8.49 -14.56 -3.23
C GLY C 119 -9.91 -14.06 -3.06
N ARG C 120 -10.20 -12.82 -3.48
CA ARG C 120 -11.54 -12.25 -3.34
C ARG C 120 -12.34 -12.23 -4.63
N PHE C 121 -11.72 -12.53 -5.79
CA PHE C 121 -12.48 -12.70 -7.01
C PHE C 121 -12.17 -14.02 -7.71
N VAL C 122 -11.40 -14.91 -7.10
CA VAL C 122 -11.13 -16.24 -7.62
C VAL C 122 -11.52 -17.25 -6.56
N ASN C 123 -12.37 -18.20 -6.92
CA ASN C 123 -12.90 -19.18 -5.99
C ASN C 123 -12.59 -20.59 -6.52
N ILE C 124 -11.70 -21.30 -5.82
CA ILE C 124 -11.38 -22.67 -6.21
C ILE C 124 -12.60 -23.56 -5.94
N THR C 125 -13.02 -24.30 -6.95
CA THR C 125 -14.18 -25.16 -6.83
C THR C 125 -13.90 -26.64 -6.93
N LYS C 126 -12.75 -27.03 -7.50
CA LYS C 126 -12.42 -28.44 -7.64
C LYS C 126 -10.90 -28.59 -7.64
N VAL C 127 -10.40 -29.60 -6.94
CA VAL C 127 -8.98 -29.89 -6.87
C VAL C 127 -8.76 -31.37 -7.13
N GLU C 128 -7.51 -31.72 -7.37
CA GLU C 128 -7.11 -33.11 -7.52
C GLU C 128 -5.68 -33.26 -7.00
N LYS C 129 -5.25 -34.52 -6.89
CA LYS C 129 -3.92 -34.84 -6.40
C LYS C 129 -2.93 -34.85 -7.56
N SER C 130 -1.74 -34.31 -7.31
CA SER C 130 -0.69 -34.29 -8.32
C SER C 130 0.19 -35.52 -8.16
N LYS C 131 1.23 -35.61 -9.00
CA LYS C 131 2.17 -36.71 -8.88
C LYS C 131 2.93 -36.66 -7.57
N GLU C 132 3.09 -35.48 -6.98
CA GLU C 132 3.70 -35.34 -5.66
C GLU C 132 2.69 -35.57 -4.54
N ASP C 133 1.50 -36.08 -4.85
CA ASP C 133 0.46 -36.37 -3.87
C ASP C 133 0.04 -35.12 -3.09
N LYS C 134 -0.04 -34.00 -3.79
CA LYS C 134 -0.48 -32.75 -3.21
C LYS C 134 -1.64 -32.19 -4.02
N ASP C 135 -2.46 -31.38 -3.37
CA ASP C 135 -3.65 -30.83 -4.01
C ASP C 135 -3.26 -29.75 -5.02
N ILE C 136 -3.80 -29.87 -6.23
CA ILE C 136 -3.60 -28.90 -7.29
C ILE C 136 -4.97 -28.50 -7.85
N VAL C 137 -5.01 -27.31 -8.44
CA VAL C 137 -6.27 -26.76 -8.95
C VAL C 137 -6.73 -27.57 -10.15
N ALA C 138 -7.99 -27.98 -10.13
CA ALA C 138 -8.64 -28.62 -11.27
C ALA C 138 -9.69 -27.74 -11.93
N GLU C 139 -10.38 -26.90 -11.15
CA GLU C 139 -11.40 -26.02 -11.69
C GLU C 139 -11.60 -24.87 -10.70
N LEU C 140 -11.83 -23.67 -11.22
CA LEU C 140 -12.09 -22.52 -10.38
C LEU C 140 -13.06 -21.57 -11.06
N ASP C 141 -13.59 -20.64 -10.28
CA ASP C 141 -14.49 -19.61 -10.77
C ASP C 141 -13.84 -18.23 -10.64
N VAL C 142 -14.11 -17.36 -11.61
CA VAL C 142 -13.66 -15.98 -11.59
C VAL C 142 -14.90 -15.11 -11.69
N PHE C 143 -15.21 -14.38 -10.61
CA PHE C 143 -16.33 -13.45 -10.64
C PHE C 143 -15.95 -12.22 -11.46
N MET C 144 -16.75 -11.93 -12.49
CA MET C 144 -16.40 -10.94 -13.50
C MET C 144 -17.48 -9.86 -13.57
N ASN C 145 -17.05 -8.60 -13.62
CA ASN C 145 -17.94 -7.47 -13.83
C ASN C 145 -18.37 -7.48 -15.30
N SER C 146 -19.67 -7.64 -15.54
CA SER C 146 -20.19 -7.70 -16.92
C SER C 146 -19.70 -6.53 -17.77
N SER C 147 -19.76 -5.32 -17.23
CA SER C 147 -19.33 -4.14 -17.99
C SER C 147 -17.86 -4.22 -18.39
N TRP C 148 -17.01 -4.73 -17.50
CA TRP C 148 -15.60 -4.86 -17.86
C TRP C 148 -15.41 -5.90 -18.96
N ALA C 149 -16.07 -7.05 -18.83
CA ALA C 149 -15.94 -8.08 -19.86
C ALA C 149 -16.49 -7.58 -21.20
N SER C 150 -17.60 -6.85 -21.16
CA SER C 150 -18.21 -6.35 -22.39
C SER C 150 -17.28 -5.40 -23.13
N GLU C 151 -16.66 -4.46 -22.41
CA GLU C 151 -15.75 -3.54 -23.08
C GLU C 151 -14.47 -4.24 -23.53
N PHE C 152 -14.02 -5.24 -22.77
CA PHE C 152 -12.84 -6.01 -23.18
C PHE C 152 -13.08 -6.68 -24.52
N TYR C 153 -14.25 -7.30 -24.70
CA TYR C 153 -14.58 -7.91 -25.98
C TYR C 153 -14.74 -6.84 -27.06
N ASP C 154 -15.34 -5.70 -26.69
CA ASP C 154 -15.56 -4.63 -27.67
C ASP C 154 -14.24 -4.09 -28.20
N SER C 155 -13.15 -4.24 -27.45
CA SER C 155 -11.85 -3.73 -27.86
C SER C 155 -11.04 -4.74 -28.67
N CYS C 156 -11.48 -6.00 -28.76
CA CYS C 156 -10.75 -7.03 -29.49
C CYS C 156 -11.52 -7.65 -30.63
N LYS C 157 -12.83 -7.41 -30.74
CA LYS C 157 -13.66 -8.14 -31.69
C LYS C 157 -13.31 -7.83 -33.14
N ASN C 158 -12.85 -6.63 -33.44
CA ASN C 158 -12.65 -6.18 -34.81
C ASN C 158 -11.19 -6.21 -35.25
N ILE C 159 -10.30 -6.81 -34.45
CA ILE C 159 -8.88 -6.83 -34.79
C ILE C 159 -8.65 -7.77 -35.96
N LYS C 160 -7.96 -7.27 -36.99
CA LYS C 160 -7.59 -8.06 -38.15
C LYS C 160 -6.17 -8.60 -37.95
N PHE C 161 -6.00 -9.91 -38.16
CA PHE C 161 -4.69 -10.53 -38.11
C PHE C 161 -3.96 -10.28 -39.43
N SER C 162 -2.77 -9.68 -39.35
CA SER C 162 -2.06 -9.27 -40.55
C SER C 162 -1.86 -10.42 -41.53
N ALA C 163 -1.67 -11.63 -41.01
CA ALA C 163 -1.64 -12.83 -41.83
C ALA C 163 -3.06 -13.19 -42.26
N THR C 164 -3.28 -13.31 -43.57
CA THR C 164 -4.55 -13.64 -44.20
C THR C 164 -5.64 -12.59 -43.99
N ASN C 165 -5.37 -11.51 -43.25
CA ASN C 165 -6.35 -10.46 -42.99
C ASN C 165 -7.62 -11.00 -42.33
N GLY C 166 -7.47 -12.08 -41.55
CA GLY C 166 -8.58 -12.64 -40.81
C GLY C 166 -8.75 -11.96 -39.46
N TYR C 167 -9.86 -12.28 -38.80
CA TYR C 167 -10.15 -11.71 -37.51
C TYR C 167 -9.32 -12.40 -36.43
N ALA C 168 -8.69 -11.61 -35.56
CA ALA C 168 -7.92 -12.18 -34.46
C ALA C 168 -8.81 -12.90 -33.46
N MET C 169 -10.08 -12.47 -33.35
CA MET C 169 -11.03 -13.14 -32.46
C MET C 169 -11.27 -14.58 -32.87
N ASP C 170 -10.99 -14.94 -34.13
CA ASP C 170 -11.11 -16.32 -34.57
C ASP C 170 -10.05 -17.22 -33.92
N LEU C 171 -8.95 -16.65 -33.44
CA LEU C 171 -7.88 -17.41 -32.81
C LEU C 171 -7.87 -17.29 -31.29
N ILE C 172 -7.90 -16.06 -30.77
CA ILE C 172 -7.88 -15.88 -29.32
C ILE C 172 -9.25 -16.11 -28.69
N GLY C 173 -10.31 -16.14 -29.48
CA GLY C 173 -11.64 -16.30 -28.94
C GLY C 173 -12.45 -17.40 -29.60
N GLY C 174 -11.83 -18.09 -30.56
CA GLY C 174 -12.54 -19.15 -31.26
C GLY C 174 -13.73 -18.65 -32.06
N GLY C 175 -13.69 -17.40 -32.50
CA GLY C 175 -14.81 -16.82 -33.21
C GLY C 175 -15.97 -16.43 -32.33
N ALA C 176 -15.71 -16.01 -31.09
CA ALA C 176 -16.79 -15.70 -30.17
C ALA C 176 -17.54 -14.44 -30.59
N LYS C 177 -18.86 -14.51 -30.48
CA LYS C 177 -19.73 -13.40 -30.88
C LYS C 177 -20.18 -12.52 -29.72
N ASN C 178 -19.98 -12.95 -28.47
CA ASN C 178 -20.30 -12.09 -27.34
C ASN C 178 -19.24 -12.28 -26.27
N TYR C 179 -19.22 -11.35 -25.31
CA TYR C 179 -18.13 -11.33 -24.33
C TYR C 179 -18.09 -12.59 -23.49
N SER C 180 -19.24 -13.17 -23.16
CA SER C 180 -19.24 -14.37 -22.33
C SER C 180 -18.66 -15.55 -23.10
N GLN C 181 -18.96 -15.65 -24.40
CA GLN C 181 -18.33 -16.69 -25.23
C GLN C 181 -16.84 -16.43 -25.40
N PHE C 182 -16.43 -15.16 -25.42
CA PHE C 182 -15.00 -14.84 -25.50
C PHE C 182 -14.27 -15.35 -24.26
N LEU C 183 -14.74 -14.95 -23.08
CA LEU C 183 -14.09 -15.38 -21.85
C LEU C 183 -14.20 -16.89 -21.66
N LYS C 184 -15.27 -17.51 -22.14
CA LYS C 184 -15.41 -18.95 -22.03
C LYS C 184 -14.33 -19.67 -22.83
N PHE C 185 -14.00 -19.15 -24.01
CA PHE C 185 -12.91 -19.72 -24.80
C PHE C 185 -11.58 -19.56 -24.08
N LEU C 186 -11.37 -18.39 -23.47
CA LEU C 186 -10.12 -18.15 -22.76
C LEU C 186 -9.97 -19.03 -21.52
N GLY C 187 -11.09 -19.35 -20.86
CA GLY C 187 -11.04 -20.06 -19.59
C GLY C 187 -11.21 -21.56 -19.68
N ASP C 188 -11.73 -22.06 -20.80
CA ASP C 188 -11.90 -23.50 -20.96
C ASP C 188 -10.54 -24.18 -21.05
N ALA C 189 -10.42 -25.34 -20.41
CA ALA C 189 -9.14 -26.04 -20.27
C ALA C 189 -8.65 -26.54 -21.62
N LYS C 190 -7.59 -25.91 -22.13
CA LYS C 190 -6.92 -26.34 -23.36
C LYS C 190 -5.43 -26.53 -23.04
N PRO C 191 -5.09 -27.55 -22.25
CA PRO C 191 -3.67 -27.73 -21.90
C PRO C 191 -2.80 -28.10 -23.08
N MET C 192 -3.32 -28.84 -24.06
CA MET C 192 -2.53 -29.20 -25.23
C MET C 192 -2.53 -28.12 -26.30
N LEU C 193 -3.53 -27.25 -26.33
CA LEU C 193 -3.64 -26.20 -27.33
C LEU C 193 -3.07 -24.86 -26.84
N GLY C 194 -2.12 -24.89 -25.93
CA GLY C 194 -1.55 -23.65 -25.41
C GLY C 194 -2.51 -22.81 -24.62
N GLY C 195 -3.58 -23.39 -24.11
CA GLY C 195 -4.61 -22.71 -23.34
C GLY C 195 -4.42 -22.91 -21.85
N SER C 196 -5.52 -22.83 -21.12
CA SER C 196 -5.47 -22.97 -19.68
C SER C 196 -5.25 -24.43 -19.29
N PRO C 197 -4.37 -24.70 -18.33
CA PRO C 197 -4.15 -26.10 -17.91
C PRO C 197 -5.27 -26.66 -17.06
N PHE C 198 -6.21 -25.83 -16.59
CA PHE C 198 -7.34 -26.29 -15.80
C PHE C 198 -8.57 -25.46 -16.19
N GLN C 199 -9.74 -25.91 -15.73
CA GLN C 199 -11.00 -25.29 -16.12
C GLN C 199 -11.20 -23.99 -15.34
N ILE C 200 -11.38 -22.89 -16.07
CA ILE C 200 -11.63 -21.57 -15.49
C ILE C 200 -12.99 -21.10 -15.98
N ASN C 201 -13.92 -20.92 -15.04
CA ASN C 201 -15.27 -20.45 -15.34
C ASN C 201 -15.42 -19.01 -14.89
N TYR C 202 -15.83 -18.15 -15.80
CA TYR C 202 -16.12 -16.76 -15.50
C TYR C 202 -17.58 -16.62 -15.13
N LYS C 203 -17.85 -16.11 -13.92
CA LYS C 203 -19.20 -15.96 -13.41
C LYS C 203 -19.58 -14.48 -13.38
N TYR C 204 -20.81 -14.19 -13.82
CA TYR C 204 -21.33 -12.84 -13.88
C TYR C 204 -22.48 -12.59 -12.92
N ASP C 205 -22.83 -13.57 -12.10
CA ASP C 205 -24.01 -13.50 -11.24
C ASP C 205 -23.66 -13.48 -9.76
N LEU C 206 -22.58 -12.79 -9.40
CA LEU C 206 -22.20 -12.70 -8.00
C LEU C 206 -23.20 -11.85 -7.23
N ALA C 207 -23.78 -12.42 -6.18
CA ALA C 207 -24.78 -11.73 -5.40
C ALA C 207 -24.18 -10.52 -4.70
N ASN C 208 -24.97 -9.44 -4.60
CA ASN C 208 -24.51 -8.24 -3.92
C ASN C 208 -24.38 -8.45 -2.42
N GLU C 209 -25.12 -9.41 -1.84
CA GLU C 209 -25.00 -9.68 -0.42
C GLU C 209 -23.65 -10.28 -0.06
N GLU C 210 -22.96 -10.90 -1.02
CA GLU C 210 -21.64 -11.47 -0.76
C GLU C 210 -20.63 -10.35 -0.59
N LYS C 211 -20.18 -10.14 0.65
CA LYS C 211 -19.17 -9.13 0.94
C LYS C 211 -17.76 -9.71 1.05
N GLU C 212 -17.63 -11.00 1.33
CA GLU C 212 -16.33 -11.64 1.35
C GLU C 212 -15.80 -11.93 -0.06
N TRP C 213 -16.63 -11.76 -1.07
CA TRP C 213 -16.24 -11.90 -2.46
C TRP C 213 -16.49 -10.58 -3.19
N GLN C 214 -15.79 -10.41 -4.30
CA GLN C 214 -16.01 -9.25 -5.16
C GLN C 214 -15.75 -9.66 -6.60
N GLU C 215 -16.30 -8.87 -7.51
CA GLU C 215 -16.11 -9.13 -8.94
C GLU C 215 -14.83 -8.48 -9.42
N PHE C 216 -14.18 -9.13 -10.38
CA PHE C 216 -13.02 -8.52 -11.02
C PHE C 216 -13.46 -7.25 -11.73
N ASN C 217 -12.76 -6.16 -11.44
CA ASN C 217 -13.04 -4.89 -12.10
C ASN C 217 -11.77 -4.05 -12.03
N ASP C 218 -11.47 -3.36 -13.12
CA ASP C 218 -10.25 -2.58 -13.23
C ASP C 218 -10.48 -1.53 -14.30
N GLU C 219 -9.46 -0.71 -14.53
CA GLU C 219 -9.49 0.16 -15.68
C GLU C 219 -9.64 -0.67 -16.94
N VAL C 220 -10.50 -0.21 -17.84
CA VAL C 220 -10.69 -0.86 -19.13
C VAL C 220 -10.51 0.20 -20.20
N TYR C 221 -9.85 -0.16 -21.29
CA TYR C 221 -9.47 0.79 -22.32
C TYR C 221 -10.21 0.48 -23.61
N ALA C 222 -10.93 1.46 -24.13
CA ALA C 222 -11.60 1.32 -25.40
C ALA C 222 -10.58 1.46 -26.54
N CYS C 223 -10.93 0.88 -27.69
CA CYS C 223 -10.02 0.90 -28.83
C CYS C 223 -9.81 2.30 -29.40
N ASP C 224 -10.68 3.26 -29.05
CA ASP C 224 -10.49 4.64 -29.48
C ASP C 224 -9.95 5.53 -28.36
N ASP C 225 -9.46 4.94 -27.27
CA ASP C 225 -8.88 5.72 -26.18
C ASP C 225 -7.60 6.40 -26.66
N ALA C 226 -7.39 7.63 -26.19
CA ALA C 226 -6.26 8.42 -26.67
C ALA C 226 -4.92 7.73 -26.41
N GLN C 227 -4.75 7.16 -25.22
CA GLN C 227 -3.46 6.56 -24.88
C GLN C 227 -3.20 5.28 -25.67
N TYR C 228 -4.23 4.46 -25.87
CA TYR C 228 -4.06 3.18 -26.54
C TYR C 228 -4.93 3.08 -27.79
N LYS C 229 -4.88 4.08 -28.65
CA LYS C 229 -5.78 4.12 -29.80
C LYS C 229 -5.39 3.07 -30.83
N CYS C 230 -6.39 2.40 -31.40
CA CYS C 230 -6.19 1.40 -32.44
C CYS C 230 -6.63 1.95 -33.78
N ALA C 231 -6.14 1.34 -34.85
CA ALA C 231 -6.44 1.78 -36.20
C ALA C 231 -7.92 1.60 -36.53
N CYS C 232 -8.42 2.42 -37.45
CA CYS C 232 -9.81 2.31 -37.90
C CYS C 232 -10.09 0.94 -38.52
N SER C 233 -9.09 0.33 -39.15
CA SER C 233 -9.26 -1.01 -39.69
C SER C 233 -9.52 -2.04 -38.60
N ASP C 234 -9.06 -1.77 -37.38
CA ASP C 234 -9.27 -2.67 -36.24
C ASP C 234 -10.27 -2.13 -35.22
N CYS C 235 -10.72 -0.88 -35.36
CA CYS C 235 -11.60 -0.25 -34.40
C CYS C 235 -12.64 0.59 -35.12
N GLN C 236 -13.91 0.40 -34.75
CA GLN C 236 -14.99 1.14 -35.40
C GLN C 236 -15.10 2.56 -34.88
N GLU C 237 -14.82 2.78 -33.59
CA GLU C 237 -14.93 4.11 -33.00
C GLU C 237 -13.80 5.04 -33.43
N SER C 238 -12.73 4.52 -34.01
CA SER C 238 -11.63 5.32 -34.52
C SER C 238 -11.84 5.82 -35.94
N CYS C 239 -12.86 5.35 -36.65
CA CYS C 239 -12.99 5.81 -38.04
C CYS C 239 -13.68 7.17 -38.11
N PRO C 240 -13.27 8.01 -39.06
CA PRO C 240 -13.96 9.30 -39.27
C PRO C 240 -15.35 9.09 -39.82
N HIS C 241 -16.32 9.79 -39.25
CA HIS C 241 -17.72 9.66 -39.69
C HIS C 241 -17.93 10.30 -41.06
N THR D 20 -18.19 -37.35 3.86
CA THR D 20 -18.32 -35.92 4.11
C THR D 20 -17.02 -35.38 4.69
N ALA D 21 -16.44 -34.33 4.09
CA ALA D 21 -15.17 -33.81 4.59
C ALA D 21 -14.92 -32.39 4.09
N THR D 22 -15.21 -31.40 4.94
CA THR D 22 -14.82 -30.01 4.69
C THR D 22 -14.43 -29.36 6.02
N CYS D 23 -13.23 -28.77 6.07
CA CYS D 23 -12.66 -28.30 7.32
C CYS D 23 -12.27 -26.83 7.24
N ALA D 24 -12.32 -26.16 8.40
CA ALA D 24 -11.70 -24.86 8.58
C ALA D 24 -10.25 -24.97 9.01
N MET D 25 -9.93 -26.00 9.79
CA MET D 25 -8.58 -26.23 10.29
C MET D 25 -8.38 -27.72 10.48
N TYR D 26 -7.12 -28.16 10.41
CA TYR D 26 -6.81 -29.57 10.57
C TYR D 26 -5.40 -29.73 11.10
N GLY D 27 -5.27 -30.47 12.20
CA GLY D 27 -3.97 -30.69 12.82
C GLY D 27 -3.43 -29.42 13.46
N ASN D 28 -2.20 -29.52 13.97
CA ASN D 28 -1.55 -28.41 14.65
C ASN D 28 -0.25 -28.01 13.95
N CYS D 29 0.12 -26.73 14.11
CA CYS D 29 1.26 -26.14 13.43
C CYS D 29 2.21 -25.44 14.39
N GLY D 30 2.36 -25.96 15.61
CA GLY D 30 3.32 -25.40 16.54
C GLY D 30 2.67 -24.58 17.63
N LYS D 31 3.52 -24.05 18.51
CA LYS D 31 3.12 -23.31 19.69
C LYS D 31 3.17 -21.80 19.42
N LYS D 32 2.32 -21.05 20.11
CA LYS D 32 2.39 -19.60 20.02
C LYS D 32 3.52 -19.04 20.89
N SER D 33 3.75 -19.65 22.05
CA SER D 33 4.83 -19.26 22.92
C SER D 33 5.28 -20.47 23.73
N VAL D 34 6.47 -20.36 24.32
CA VAL D 34 6.93 -21.41 25.21
C VAL D 34 5.99 -21.48 26.41
N PHE D 35 5.75 -22.70 26.89
CA PHE D 35 4.85 -23.08 27.97
C PHE D 35 3.39 -23.10 27.50
N GLY D 36 3.09 -22.61 26.30
CA GLY D 36 1.75 -22.70 25.75
C GLY D 36 1.52 -24.05 25.10
N ASN D 37 0.40 -24.15 24.38
CA ASN D 37 0.05 -25.37 23.68
C ASN D 37 0.14 -25.15 22.17
N GLU D 38 0.12 -26.26 21.43
CA GLU D 38 0.09 -26.20 19.98
C GLU D 38 -1.28 -25.77 19.50
N LEU D 39 -1.30 -25.04 18.37
CA LEU D 39 -2.50 -24.45 17.82
C LEU D 39 -2.77 -24.93 16.40
N PRO D 40 -4.04 -24.97 15.98
CA PRO D 40 -4.39 -25.64 14.73
C PRO D 40 -3.94 -24.87 13.49
N CYS D 41 -3.77 -25.63 12.39
CA CYS D 41 -3.41 -25.06 11.09
C CYS D 41 -4.67 -24.77 10.29
N PRO D 42 -4.88 -23.55 9.80
CA PRO D 42 -5.94 -23.33 8.82
C PRO D 42 -5.66 -24.10 7.53
N VAL D 43 -6.72 -24.65 6.94
CA VAL D 43 -6.61 -25.35 5.67
C VAL D 43 -7.62 -24.75 4.69
N PRO D 44 -7.37 -24.78 3.39
CA PRO D 44 -8.34 -24.22 2.43
C PRO D 44 -9.60 -25.07 2.40
N ARG D 45 -10.66 -24.51 1.80
CA ARG D 45 -11.94 -25.20 1.76
C ARG D 45 -11.89 -26.44 0.89
N SER D 46 -11.04 -26.44 -0.14
CA SER D 46 -10.92 -27.61 -1.00
C SER D 46 -10.13 -28.75 -0.34
N PHE D 47 -9.53 -28.49 0.82
CA PHE D 47 -8.80 -29.53 1.53
C PHE D 47 -9.77 -30.59 2.05
N GLU D 48 -9.41 -31.84 1.87
CA GLU D 48 -10.17 -32.94 2.44
C GLU D 48 -9.27 -33.74 3.37
N PRO D 49 -9.69 -33.99 4.60
CA PRO D 49 -8.85 -34.74 5.53
C PRO D 49 -8.81 -36.22 5.16
N PRO D 50 -7.81 -36.95 5.64
CA PRO D 50 -7.76 -38.39 5.37
C PRO D 50 -8.80 -39.15 6.17
N VAL D 51 -8.85 -40.46 5.97
CA VAL D 51 -9.72 -41.30 6.78
C VAL D 51 -9.17 -41.35 8.20
N LEU D 52 -10.07 -41.37 9.19
CA LEU D 52 -9.64 -41.46 10.57
C LEU D 52 -8.84 -42.74 10.80
N SER D 53 -7.71 -42.60 11.51
CA SER D 53 -6.97 -43.77 11.95
C SER D 53 -7.77 -44.53 13.00
N ASP D 54 -7.40 -45.81 13.18
CA ASP D 54 -8.07 -46.61 14.19
C ASP D 54 -7.92 -46.02 15.58
N GLU D 55 -6.74 -45.48 15.89
CA GLU D 55 -6.50 -44.93 17.21
C GLU D 55 -7.32 -43.67 17.45
N THR D 56 -7.39 -42.78 16.45
CA THR D 56 -8.14 -41.54 16.62
C THR D 56 -9.64 -41.81 16.67
N SER D 57 -10.13 -42.79 15.91
CA SER D 57 -11.55 -43.10 15.90
C SER D 57 -12.01 -43.70 17.22
N LYS D 58 -11.25 -44.68 17.74
CA LYS D 58 -11.61 -45.27 19.02
C LYS D 58 -11.52 -44.26 20.14
N LEU D 59 -10.54 -43.36 20.07
CA LEU D 59 -10.43 -42.29 21.07
C LEU D 59 -11.57 -41.30 20.93
N LEU D 60 -11.99 -41.02 19.69
CA LEU D 60 -13.07 -40.07 19.46
C LEU D 60 -14.39 -40.58 20.03
N VAL D 61 -14.62 -41.90 19.96
CA VAL D 61 -15.86 -42.45 20.52
C VAL D 61 -15.84 -42.40 22.03
N GLU D 62 -14.67 -42.60 22.64
CA GLU D 62 -14.57 -42.54 24.09
C GLU D 62 -14.83 -41.14 24.63
N VAL D 63 -14.45 -40.11 23.87
CA VAL D 63 -14.54 -38.74 24.34
C VAL D 63 -15.87 -38.08 23.98
N CYS D 64 -16.41 -38.36 22.78
CA CYS D 64 -17.56 -37.63 22.27
C CYS D 64 -18.85 -38.42 22.21
N GLY D 65 -18.84 -39.71 22.47
CA GLY D 65 -20.05 -40.50 22.50
C GLY D 65 -20.15 -41.48 21.34
N GLU D 66 -21.17 -42.33 21.44
CA GLU D 66 -21.41 -43.37 20.44
C GLU D 66 -21.93 -42.82 19.11
N GLU D 67 -22.33 -41.55 19.05
CA GLU D 67 -22.81 -40.99 17.78
C GLU D 67 -21.69 -40.81 16.77
N TRP D 68 -20.44 -41.05 17.16
CA TRP D 68 -19.29 -40.95 16.29
C TRP D 68 -18.78 -42.32 15.84
N LYS D 69 -19.62 -43.36 15.99
CA LYS D 69 -19.21 -44.72 15.67
C LYS D 69 -18.83 -44.87 14.21
N GLU D 70 -19.78 -44.58 13.31
CA GLU D 70 -19.60 -44.79 11.88
C GLU D 70 -18.99 -43.58 11.17
N VAL D 71 -18.36 -42.67 11.90
CA VAL D 71 -17.69 -41.53 11.30
C VAL D 71 -16.30 -41.95 10.83
N ARG D 72 -16.04 -41.78 9.53
CA ARG D 72 -14.75 -42.13 8.94
C ARG D 72 -13.90 -40.92 8.59
N TYR D 73 -14.52 -39.82 8.18
CA TYR D 73 -13.81 -38.58 7.86
C TYR D 73 -14.12 -37.55 8.94
N ALA D 74 -13.08 -37.04 9.58
CA ALA D 74 -13.23 -36.01 10.60
C ALA D 74 -12.21 -34.91 10.38
N CYS D 75 -12.51 -33.73 10.90
CA CYS D 75 -11.64 -32.57 10.76
C CYS D 75 -10.65 -32.42 11.89
N CYS D 76 -10.32 -33.51 12.60
CA CYS D 76 -9.43 -33.42 13.74
C CYS D 76 -8.46 -34.60 13.73
N THR D 77 -7.24 -34.34 14.19
CA THR D 77 -6.21 -35.34 14.36
C THR D 77 -6.25 -35.93 15.76
N LYS D 78 -5.36 -36.88 16.02
CA LYS D 78 -5.30 -37.50 17.35
C LYS D 78 -4.92 -36.48 18.43
N ASP D 79 -3.95 -35.60 18.12
CA ASP D 79 -3.55 -34.60 19.10
C ASP D 79 -4.70 -33.65 19.44
N GLN D 80 -5.52 -33.31 18.45
CA GLN D 80 -6.67 -32.44 18.70
C GLN D 80 -7.70 -33.12 19.60
N VAL D 81 -7.96 -34.41 19.36
CA VAL D 81 -8.89 -35.14 20.23
C VAL D 81 -8.33 -35.24 21.64
N VAL D 82 -7.01 -35.41 21.76
CA VAL D 82 -6.40 -35.49 23.09
C VAL D 82 -6.52 -34.15 23.82
N ALA D 83 -6.24 -33.05 23.12
CA ALA D 83 -6.40 -31.73 23.72
C ALA D 83 -7.85 -31.49 24.11
N LEU D 84 -8.80 -31.95 23.28
CA LEU D 84 -10.20 -31.84 23.62
C LEU D 84 -10.55 -32.64 24.86
N ARG D 85 -9.97 -33.83 25.00
CA ARG D 85 -10.25 -34.68 26.15
C ARG D 85 -9.74 -34.05 27.44
N ASP D 86 -8.51 -33.51 27.42
CA ASP D 86 -7.92 -32.95 28.62
C ASP D 86 -8.69 -31.75 29.13
N ASN D 87 -9.26 -30.94 28.23
CA ASN D 87 -10.00 -29.77 28.67
C ASN D 87 -11.42 -30.11 29.10
N LEU D 88 -12.05 -31.08 28.43
CA LEU D 88 -13.38 -31.50 28.84
C LEU D 88 -13.36 -32.18 30.21
N GLN D 89 -12.25 -32.83 30.56
CA GLN D 89 -12.16 -33.48 31.85
C GLN D 89 -12.02 -32.47 32.98
N LYS D 90 -11.48 -31.29 32.71
CA LYS D 90 -11.41 -30.26 33.73
C LYS D 90 -12.80 -29.67 34.00
N ALA D 91 -13.62 -29.54 32.96
CA ALA D 91 -14.95 -28.99 33.10
C ALA D 91 -15.99 -30.03 33.45
N GLN D 92 -15.69 -31.32 33.27
CA GLN D 92 -16.69 -32.36 33.49
C GLN D 92 -17.23 -32.39 34.92
N PRO D 93 -16.41 -32.36 35.98
CA PRO D 93 -16.98 -32.42 37.33
C PRO D 93 -17.90 -31.25 37.66
N LEU D 94 -17.75 -30.11 36.99
CA LEU D 94 -18.59 -28.96 37.28
C LEU D 94 -20.03 -29.16 36.81
N ILE D 95 -20.26 -30.04 35.84
CA ILE D 95 -21.58 -30.24 35.26
C ILE D 95 -21.96 -31.70 35.17
N SER D 96 -21.13 -32.61 35.69
CA SER D 96 -21.41 -34.04 35.56
C SER D 96 -22.69 -34.44 36.29
N SER D 97 -23.12 -33.68 37.29
CA SER D 97 -24.33 -34.00 38.02
C SER D 97 -25.58 -33.82 37.15
N CYS D 98 -25.49 -33.07 36.05
CA CYS D 98 -26.62 -32.83 35.16
C CYS D 98 -26.29 -33.40 33.80
N PRO D 99 -26.82 -34.58 33.45
CA PRO D 99 -26.46 -35.20 32.16
C PRO D 99 -26.86 -34.39 30.94
N ALA D 100 -27.98 -33.67 31.00
CA ALA D 100 -28.42 -32.89 29.84
C ALA D 100 -27.43 -31.79 29.50
N CYS D 101 -26.97 -31.06 30.51
CA CYS D 101 -25.97 -30.02 30.26
C CYS D 101 -24.66 -30.64 29.80
N LEU D 102 -24.25 -31.74 30.42
CA LEU D 102 -23.01 -32.39 30.03
C LEU D 102 -23.05 -32.86 28.58
N LYS D 103 -24.18 -33.44 28.15
CA LYS D 103 -24.29 -33.90 26.77
C LYS D 103 -24.23 -32.73 25.79
N ASN D 104 -24.99 -31.67 26.06
CA ASN D 104 -24.94 -30.48 25.21
C ASN D 104 -23.56 -29.84 25.22
N PHE D 105 -22.92 -29.82 26.40
CA PHE D 105 -21.58 -29.23 26.51
C PHE D 105 -20.58 -29.97 25.66
N ASN D 106 -20.49 -31.29 25.83
CA ASN D 106 -19.53 -32.08 25.06
C ASN D 106 -19.85 -32.05 23.57
N ASN D 107 -21.13 -32.08 23.22
CA ASN D 107 -21.52 -32.11 21.80
C ASN D 107 -21.11 -30.84 21.07
N LEU D 108 -21.13 -29.68 21.74
CA LEU D 108 -20.72 -28.45 21.09
C LEU D 108 -19.25 -28.51 20.68
N PHE D 109 -18.37 -28.76 21.65
CA PHE D 109 -16.93 -28.75 21.38
C PHE D 109 -16.47 -29.95 20.58
N CYS D 110 -17.21 -31.07 20.64
CA CYS D 110 -16.86 -32.21 19.80
C CYS D 110 -17.11 -31.91 18.33
N HIS D 111 -18.27 -31.33 18.02
CA HIS D 111 -18.54 -30.91 16.64
C HIS D 111 -17.61 -29.78 16.21
N PHE D 112 -17.32 -28.85 17.12
CA PHE D 112 -16.41 -27.76 16.77
C PHE D 112 -15.05 -28.29 16.35
N THR D 113 -14.55 -29.32 17.04
CA THR D 113 -13.21 -29.81 16.80
C THR D 113 -13.16 -30.83 15.67
N CYS D 114 -14.19 -31.66 15.50
CA CYS D 114 -14.08 -32.84 14.66
C CYS D 114 -15.14 -32.99 13.58
N ALA D 115 -16.20 -32.18 13.57
CA ALA D 115 -17.29 -32.41 12.62
C ALA D 115 -16.79 -32.32 11.19
N ALA D 116 -17.35 -33.18 10.32
CA ALA D 116 -16.97 -33.23 8.92
C ALA D 116 -17.45 -32.02 8.13
N ASP D 117 -18.34 -31.21 8.70
CA ASP D 117 -18.80 -29.96 8.09
C ASP D 117 -18.28 -28.75 8.86
N GLN D 118 -17.20 -28.93 9.62
CA GLN D 118 -16.66 -27.84 10.43
C GLN D 118 -16.35 -26.61 9.59
N GLY D 119 -15.83 -26.81 8.37
CA GLY D 119 -15.48 -25.71 7.51
C GLY D 119 -16.63 -24.85 7.07
N ARG D 120 -17.87 -25.27 7.31
CA ARG D 120 -19.04 -24.50 6.90
C ARG D 120 -19.71 -23.74 8.03
N PHE D 121 -19.32 -23.97 9.29
CA PHE D 121 -19.80 -23.15 10.38
C PHE D 121 -18.67 -22.58 11.23
N VAL D 122 -17.42 -22.76 10.82
CA VAL D 122 -16.27 -22.16 11.49
C VAL D 122 -15.49 -21.37 10.45
N ASN D 123 -15.25 -20.09 10.73
CA ASN D 123 -14.57 -19.19 9.79
C ASN D 123 -13.35 -18.60 10.49
N ILE D 124 -12.16 -18.97 10.02
CA ILE D 124 -10.93 -18.40 10.57
C ILE D 124 -10.83 -16.94 10.17
N THR D 125 -10.60 -16.07 11.16
CA THR D 125 -10.54 -14.63 10.89
C THR D 125 -9.17 -14.02 11.12
N LYS D 126 -8.29 -14.67 11.89
CA LYS D 126 -6.98 -14.10 12.16
C LYS D 126 -6.01 -15.22 12.47
N VAL D 127 -4.79 -15.12 11.93
CA VAL D 127 -3.72 -16.08 12.17
C VAL D 127 -2.46 -15.35 12.56
N GLU D 128 -1.50 -16.11 13.09
CA GLU D 128 -0.16 -15.61 13.38
C GLU D 128 0.83 -16.75 13.22
N LYS D 129 2.10 -16.40 13.28
CA LYS D 129 3.17 -17.37 13.11
C LYS D 129 3.53 -18.04 14.44
N SER D 130 3.75 -19.34 14.38
CA SER D 130 4.12 -20.12 15.55
C SER D 130 5.64 -20.21 15.67
N LYS D 131 6.10 -20.93 16.70
CA LYS D 131 7.53 -21.13 16.86
C LYS D 131 8.11 -21.95 15.71
N GLU D 132 7.29 -22.80 15.08
CA GLU D 132 7.70 -23.53 13.90
C GLU D 132 7.56 -22.71 12.62
N ASP D 133 7.31 -21.41 12.74
CA ASP D 133 7.21 -20.49 11.60
C ASP D 133 6.09 -20.91 10.64
N LYS D 134 4.98 -21.38 11.20
CA LYS D 134 3.83 -21.77 10.41
C LYS D 134 2.59 -21.04 10.93
N ASP D 135 1.59 -20.90 10.06
CA ASP D 135 0.38 -20.20 10.44
C ASP D 135 -0.46 -21.01 11.42
N ILE D 136 -0.85 -20.38 12.53
CA ILE D 136 -1.73 -20.99 13.50
C ILE D 136 -2.89 -20.04 13.76
N VAL D 137 -4.00 -20.62 14.21
CA VAL D 137 -5.23 -19.85 14.43
C VAL D 137 -5.04 -18.91 15.61
N ALA D 138 -5.37 -17.64 15.40
CA ALA D 138 -5.40 -16.64 16.47
C ALA D 138 -6.81 -16.20 16.82
N GLU D 139 -7.73 -16.20 15.87
CA GLU D 139 -9.11 -15.82 16.13
C GLU D 139 -9.99 -16.41 15.04
N LEU D 140 -11.18 -16.85 15.42
CA LEU D 140 -12.13 -17.40 14.46
C LEU D 140 -13.55 -17.07 14.91
N ASP D 141 -14.49 -17.27 14.00
CA ASP D 141 -15.91 -17.08 14.25
C ASP D 141 -16.63 -18.43 14.16
N VAL D 142 -17.64 -18.61 15.00
CA VAL D 142 -18.50 -19.78 14.98
C VAL D 142 -19.92 -19.30 14.78
N PHE D 143 -20.50 -19.61 13.63
CA PHE D 143 -21.90 -19.26 13.37
C PHE D 143 -22.82 -20.19 14.17
N MET D 144 -23.68 -19.59 15.00
CA MET D 144 -24.47 -20.30 16.00
C MET D 144 -25.95 -20.04 15.73
N ASN D 145 -26.77 -21.09 15.87
CA ASN D 145 -28.19 -21.03 15.58
C ASN D 145 -29.02 -20.18 16.54
N SER D 146 -28.48 -19.78 17.70
CA SER D 146 -29.19 -18.98 18.70
C SER D 146 -30.29 -19.78 19.39
N SER D 147 -31.19 -20.42 18.64
CA SER D 147 -32.19 -21.28 19.28
C SER D 147 -31.50 -22.44 19.98
N TRP D 148 -30.47 -22.98 19.35
CA TRP D 148 -29.67 -24.03 19.99
C TRP D 148 -28.90 -23.46 21.18
N ALA D 149 -28.29 -22.29 21.01
CA ALA D 149 -27.54 -21.68 22.09
C ALA D 149 -28.45 -21.35 23.27
N SER D 150 -29.67 -20.89 22.99
CA SER D 150 -30.62 -20.58 24.05
C SER D 150 -30.95 -21.83 24.86
N GLU D 151 -31.23 -22.94 24.17
CA GLU D 151 -31.55 -24.18 24.88
C GLU D 151 -30.33 -24.75 25.59
N PHE D 152 -29.14 -24.57 25.01
CA PHE D 152 -27.92 -25.01 25.67
C PHE D 152 -27.72 -24.29 26.99
N TYR D 153 -27.92 -22.97 27.01
CA TYR D 153 -27.80 -22.21 28.26
C TYR D 153 -28.88 -22.59 29.26
N ASP D 154 -30.10 -22.84 28.79
CA ASP D 154 -31.19 -23.18 29.70
C ASP D 154 -30.93 -24.49 30.43
N SER D 155 -30.10 -25.37 29.88
CA SER D 155 -29.82 -26.66 30.49
C SER D 155 -28.68 -26.62 31.49
N CYS D 156 -27.93 -25.51 31.55
CA CYS D 156 -26.78 -25.41 32.44
C CYS D 156 -26.90 -24.29 33.47
N LYS D 157 -27.87 -23.38 33.31
CA LYS D 157 -27.91 -22.18 34.14
C LYS D 157 -28.16 -22.50 35.61
N ASN D 158 -28.88 -23.59 35.89
CA ASN D 158 -29.32 -23.92 37.24
C ASN D 158 -28.47 -24.98 37.92
N ILE D 159 -27.33 -25.37 37.34
CA ILE D 159 -26.53 -26.40 37.99
C ILE D 159 -25.89 -25.81 39.23
N LYS D 160 -26.13 -26.43 40.38
CA LYS D 160 -25.49 -26.06 41.62
C LYS D 160 -24.30 -26.96 41.87
N PHE D 161 -23.17 -26.36 42.20
CA PHE D 161 -21.98 -27.12 42.56
C PHE D 161 -22.16 -27.59 44.00
N SER D 162 -22.10 -28.90 44.21
CA SER D 162 -22.46 -29.47 45.51
C SER D 162 -21.70 -28.85 46.66
N ALA D 163 -20.44 -28.46 46.43
CA ALA D 163 -19.68 -27.73 47.44
C ALA D 163 -20.17 -26.29 47.53
N THR D 164 -20.56 -25.88 48.74
CA THR D 164 -21.06 -24.54 49.07
C THR D 164 -22.39 -24.20 48.41
N ASN D 165 -22.97 -25.13 47.65
CA ASN D 165 -24.27 -24.91 47.00
C ASN D 165 -24.26 -23.70 46.06
N GLY D 166 -23.10 -23.42 45.44
CA GLY D 166 -23.01 -22.35 44.48
C GLY D 166 -23.42 -22.79 43.08
N TYR D 167 -23.64 -21.80 42.21
CA TYR D 167 -24.04 -22.09 40.84
C TYR D 167 -22.83 -22.47 39.99
N ALA D 168 -22.99 -23.53 39.19
CA ALA D 168 -21.92 -23.94 38.29
C ALA D 168 -21.70 -22.93 37.17
N MET D 169 -22.72 -22.16 36.80
CA MET D 169 -22.58 -21.15 35.76
C MET D 169 -21.58 -20.07 36.15
N ASP D 170 -21.30 -19.92 37.45
CA ASP D 170 -20.27 -18.97 37.87
C ASP D 170 -18.87 -19.38 37.44
N LEU D 171 -18.66 -20.67 37.16
CA LEU D 171 -17.36 -21.17 36.75
C LEU D 171 -17.28 -21.43 35.25
N ILE D 172 -18.23 -22.18 34.69
CA ILE D 172 -18.20 -22.46 33.26
C ILE D 172 -18.70 -21.28 32.44
N GLY D 173 -19.39 -20.32 33.06
CA GLY D 173 -19.93 -19.20 32.32
C GLY D 173 -19.61 -17.85 32.93
N GLY D 174 -18.89 -17.84 34.06
CA GLY D 174 -18.55 -16.60 34.73
C GLY D 174 -19.74 -15.82 35.24
N GLY D 175 -20.82 -16.50 35.57
CA GLY D 175 -22.02 -15.81 36.02
C GLY D 175 -22.82 -15.20 34.88
N ALA D 176 -22.87 -15.86 33.73
CA ALA D 176 -23.56 -15.32 32.57
C ALA D 176 -25.06 -15.31 32.80
N LYS D 177 -25.71 -14.24 32.34
CA LYS D 177 -27.14 -14.06 32.55
C LYS D 177 -27.98 -14.51 31.36
N ASN D 178 -27.36 -14.66 30.19
CA ASN D 178 -28.05 -15.11 28.99
C ASN D 178 -27.08 -15.94 28.14
N TYR D 179 -27.63 -16.62 27.13
CA TYR D 179 -26.84 -17.56 26.35
C TYR D 179 -25.67 -16.88 25.64
N SER D 180 -25.82 -15.63 25.21
CA SER D 180 -24.74 -14.97 24.48
C SER D 180 -23.55 -14.69 25.40
N GLN D 181 -23.82 -14.30 26.65
CA GLN D 181 -22.73 -14.13 27.60
C GLN D 181 -22.10 -15.45 27.98
N PHE D 182 -22.90 -16.53 28.00
CA PHE D 182 -22.36 -17.85 28.29
C PHE D 182 -21.35 -18.27 27.23
N LEU D 183 -21.75 -18.23 25.95
CA LEU D 183 -20.85 -18.62 24.88
C LEU D 183 -19.67 -17.67 24.76
N LYS D 184 -19.86 -16.39 25.08
CA LYS D 184 -18.73 -15.46 25.04
C LYS D 184 -17.68 -15.83 26.08
N PHE D 185 -18.12 -16.27 27.26
CA PHE D 185 -17.17 -16.74 28.27
C PHE D 185 -16.43 -17.98 27.80
N LEU D 186 -17.14 -18.92 27.16
CA LEU D 186 -16.51 -20.14 26.69
C LEU D 186 -15.50 -19.87 25.58
N GLY D 187 -15.75 -18.86 24.75
CA GLY D 187 -14.93 -18.61 23.58
C GLY D 187 -13.82 -17.61 23.78
N ASP D 188 -13.90 -16.79 24.83
CA ASP D 188 -12.87 -15.80 25.08
C ASP D 188 -11.55 -16.48 25.46
N ALA D 189 -10.45 -15.95 24.92
CA ALA D 189 -9.14 -16.58 25.05
C ALA D 189 -8.67 -16.53 26.49
N LYS D 190 -8.66 -17.67 27.17
CA LYS D 190 -8.08 -17.82 28.50
C LYS D 190 -7.09 -18.99 28.47
N PRO D 191 -5.95 -18.82 27.79
CA PRO D 191 -4.98 -19.92 27.76
C PRO D 191 -4.35 -20.20 29.11
N MET D 192 -4.25 -19.20 29.98
CA MET D 192 -3.67 -19.42 31.30
C MET D 192 -4.59 -20.25 32.19
N LEU D 193 -5.90 -20.20 31.93
CA LEU D 193 -6.86 -20.98 32.69
C LEU D 193 -7.20 -22.25 31.93
N GLY D 194 -8.44 -22.72 32.05
CA GLY D 194 -8.87 -23.93 31.38
C GLY D 194 -9.72 -23.67 30.15
N GLY D 195 -9.58 -22.47 29.58
CA GLY D 195 -10.39 -22.05 28.45
C GLY D 195 -9.72 -22.24 27.11
N SER D 196 -10.17 -21.44 26.13
CA SER D 196 -9.72 -21.54 24.75
C SER D 196 -8.32 -20.93 24.58
N PRO D 197 -7.45 -21.60 23.81
CA PRO D 197 -6.11 -21.04 23.57
C PRO D 197 -6.10 -19.88 22.60
N PHE D 198 -7.21 -19.62 21.90
CA PHE D 198 -7.33 -18.50 20.98
C PHE D 198 -8.74 -17.95 21.07
N GLN D 199 -8.94 -16.79 20.45
CA GLN D 199 -10.21 -16.09 20.55
C GLN D 199 -11.26 -16.75 19.66
N ILE D 200 -12.37 -17.17 20.27
CA ILE D 200 -13.49 -17.77 19.57
C ILE D 200 -14.71 -16.87 19.77
N ASN D 201 -15.21 -16.30 18.68
CA ASN D 201 -16.38 -15.43 18.71
C ASN D 201 -17.56 -16.19 18.14
N TYR D 202 -18.63 -16.29 18.91
CA TYR D 202 -19.86 -16.92 18.46
C TYR D 202 -20.74 -15.86 17.81
N LYS D 203 -21.09 -16.08 16.54
CA LYS D 203 -21.85 -15.12 15.75
C LYS D 203 -23.26 -15.66 15.55
N TYR D 204 -24.25 -14.79 15.73
CA TYR D 204 -25.65 -15.15 15.59
C TYR D 204 -26.33 -14.47 14.42
N ASP D 205 -25.59 -13.71 13.62
CA ASP D 205 -26.14 -12.88 12.56
C ASP D 205 -25.72 -13.35 11.17
N LEU D 206 -25.63 -14.66 10.98
CA LEU D 206 -25.28 -15.17 9.66
C LEU D 206 -26.45 -14.97 8.70
N ALA D 207 -26.19 -14.24 7.61
CA ALA D 207 -27.25 -13.92 6.67
C ALA D 207 -27.75 -15.18 5.97
N ASN D 208 -29.06 -15.19 5.68
CA ASN D 208 -29.66 -16.32 4.99
C ASN D 208 -29.19 -16.43 3.55
N GLU D 209 -28.74 -15.32 2.95
CA GLU D 209 -28.23 -15.35 1.58
C GLU D 209 -26.93 -16.12 1.48
N GLU D 210 -26.18 -16.25 2.57
CA GLU D 210 -24.93 -17.00 2.57
C GLU D 210 -25.23 -18.49 2.47
N LYS D 211 -24.94 -19.09 1.32
CA LYS D 211 -25.15 -20.51 1.13
C LYS D 211 -23.89 -21.35 1.33
N GLU D 212 -22.71 -20.73 1.20
CA GLU D 212 -21.46 -21.42 1.48
C GLU D 212 -21.20 -21.57 2.97
N TRP D 213 -21.98 -20.90 3.82
CA TRP D 213 -21.87 -21.03 5.26
C TRP D 213 -23.20 -21.53 5.83
N GLN D 214 -23.13 -22.10 7.03
CA GLN D 214 -24.31 -22.53 7.75
C GLN D 214 -24.04 -22.35 9.24
N GLU D 215 -25.13 -22.29 10.01
CA GLU D 215 -25.01 -22.18 11.45
C GLU D 215 -24.94 -23.55 12.10
N PHE D 216 -24.19 -23.63 13.18
CA PHE D 216 -24.15 -24.86 13.97
C PHE D 216 -25.54 -25.15 14.52
N ASN D 217 -26.00 -26.39 14.32
CA ASN D 217 -27.28 -26.81 14.86
C ASN D 217 -27.25 -28.32 15.00
N ASP D 218 -27.80 -28.81 16.11
CA ASP D 218 -27.75 -30.23 16.42
C ASP D 218 -28.89 -30.54 17.39
N GLU D 219 -29.01 -31.81 17.76
CA GLU D 219 -29.91 -32.18 18.85
C GLU D 219 -29.50 -31.45 20.12
N VAL D 220 -30.49 -30.92 20.83
CA VAL D 220 -30.26 -30.25 22.11
C VAL D 220 -31.20 -30.85 23.14
N TYR D 221 -30.70 -31.03 24.37
CA TYR D 221 -31.43 -31.71 25.42
C TYR D 221 -31.67 -30.75 26.59
N ALA D 222 -32.94 -30.60 26.97
CA ALA D 222 -33.28 -29.80 28.14
C ALA D 222 -32.95 -30.57 29.42
N CYS D 223 -32.76 -29.82 30.51
CA CYS D 223 -32.37 -30.44 31.77
C CYS D 223 -33.45 -31.33 32.35
N ASP D 224 -34.70 -31.20 31.88
CA ASP D 224 -35.78 -32.08 32.31
C ASP D 224 -36.11 -33.14 31.26
N ASP D 225 -35.22 -33.35 30.30
CA ASP D 225 -35.43 -34.38 29.29
C ASP D 225 -35.41 -35.76 29.93
N ALA D 226 -36.28 -36.65 29.44
CA ALA D 226 -36.42 -37.97 30.06
C ALA D 226 -35.12 -38.76 30.02
N GLN D 227 -34.43 -38.74 28.88
CA GLN D 227 -33.23 -39.55 28.71
C GLN D 227 -32.08 -39.04 29.56
N TYR D 228 -31.91 -37.72 29.66
CA TYR D 228 -30.80 -37.13 30.40
C TYR D 228 -31.29 -36.24 31.53
N LYS D 229 -32.17 -36.78 32.38
CA LYS D 229 -32.81 -35.98 33.41
C LYS D 229 -31.82 -35.55 34.48
N CYS D 230 -31.94 -34.31 34.93
CA CYS D 230 -31.16 -33.76 36.01
C CYS D 230 -32.04 -33.59 37.24
N ALA D 231 -31.40 -33.50 38.40
CA ALA D 231 -32.14 -33.39 39.65
C ALA D 231 -32.91 -32.07 39.71
N CYS D 232 -34.01 -32.07 40.48
CA CYS D 232 -34.80 -30.86 40.66
C CYS D 232 -33.97 -29.76 41.32
N SER D 233 -32.98 -30.13 42.13
CA SER D 233 -32.09 -29.13 42.71
C SER D 233 -31.24 -28.44 41.65
N ASP D 234 -31.01 -29.10 40.51
CA ASP D 234 -30.23 -28.54 39.41
C ASP D 234 -31.07 -28.12 38.21
N CYS D 235 -32.36 -28.46 38.19
CA CYS D 235 -33.24 -28.15 37.07
C CYS D 235 -34.61 -27.77 37.61
N GLN D 236 -35.15 -26.65 37.12
CA GLN D 236 -36.45 -26.20 37.61
C GLN D 236 -37.60 -26.96 36.97
N GLU D 237 -37.46 -27.34 35.71
CA GLU D 237 -38.53 -28.08 35.04
C GLU D 237 -38.62 -29.53 35.48
N SER D 238 -37.61 -30.04 36.19
CA SER D 238 -37.69 -31.39 36.72
C SER D 238 -38.45 -31.44 38.03
N CYS D 239 -38.76 -30.28 38.62
CA CYS D 239 -39.55 -30.21 39.83
C CYS D 239 -41.04 -30.26 39.45
N PRO D 240 -41.88 -30.83 40.31
CA PRO D 240 -43.32 -30.86 40.00
C PRO D 240 -43.92 -29.46 39.96
N HIS D 241 -44.67 -29.18 38.89
CA HIS D 241 -45.30 -27.88 38.73
C HIS D 241 -46.46 -27.98 37.74
C1 NAG E . 6.78 19.26 -8.47
C2 NAG E . 5.28 19.42 -8.62
C3 NAG E . 4.55 18.59 -7.56
C4 NAG E . 5.05 17.15 -7.55
C5 NAG E . 6.57 17.11 -7.50
C6 NAG E . 7.13 15.70 -7.64
C7 NAG E . 4.25 21.50 -9.44
C8 NAG E . 3.91 20.74 -10.69
N2 NAG E . 4.90 20.82 -8.49
O3 NAG E . 3.15 18.62 -7.83
O4 NAG E . 4.57 16.50 -6.38
O5 NAG E . 7.12 17.88 -8.56
O6 NAG E . 6.95 15.21 -8.96
O7 NAG E . 3.94 22.68 -9.31
C1 NAG E . 3.40 15.70 -6.63
C2 NAG E . 3.38 14.65 -5.53
C3 NAG E . 2.13 13.76 -5.67
C4 NAG E . 0.88 14.62 -5.74
C5 NAG E . 1.03 15.69 -6.82
C6 NAG E . -0.13 16.66 -6.85
C7 NAG E . 5.38 13.68 -4.48
C8 NAG E . 4.94 14.38 -3.23
N2 NAG E . 4.59 13.83 -5.55
O3 NAG E . 2.07 12.90 -4.54
O4 NAG E . -0.25 13.81 -6.04
O5 NAG E . 2.21 16.46 -6.60
O6 NAG E . 0.13 17.76 -7.71
O7 NAG E . 6.39 13.00 -4.52
C1 BMA E . -1.04 13.60 -4.85
C2 BMA E . -2.46 13.30 -5.30
C3 BMA E . -3.34 12.89 -4.11
C4 BMA E . -2.65 11.78 -3.32
C5 BMA E . -1.21 12.17 -2.93
C6 BMA E . -0.49 10.98 -2.39
O2 BMA E . -2.48 12.21 -6.22
O3 BMA E . -4.60 12.40 -4.54
O4 BMA E . -3.40 11.51 -2.13
O5 BMA E . -0.50 12.54 -4.11
O6 BMA E . -0.54 10.03 -3.45
C1 MAN E . -0.23 8.69 -2.99
C2 MAN E . -0.01 7.85 -4.27
C3 MAN E . -1.33 7.69 -5.04
C4 MAN E . -2.46 7.21 -4.12
C5 MAN E . -2.56 8.10 -2.87
C6 MAN E . -3.57 7.60 -1.84
O2 MAN E . 0.42 6.53 -3.96
O3 MAN E . -1.20 6.80 -6.15
O4 MAN E . -3.70 7.24 -4.81
O5 MAN E . -1.28 8.17 -2.20
O6 MAN E . -3.65 8.55 -0.79
C1 MAN E . -1.55 7.43 -7.40
C2 MAN E . -0.26 8.12 -7.97
C3 MAN E . -0.65 9.18 -9.01
C4 MAN E . -2.03 8.90 -9.62
C5 MAN E . -3.10 8.95 -8.51
C6 MAN E . -4.38 8.23 -8.87
O2 MAN E . 0.57 7.18 -8.65
O3 MAN E . 0.33 9.28 -10.05
O4 MAN E . -2.33 9.86 -10.61
O5 MAN E . -2.60 8.38 -7.26
O6 MAN E . -4.21 7.64 -10.15
C1 MAN E . 1.63 6.84 -7.73
C2 MAN E . 2.93 6.60 -8.55
C3 MAN E . 4.08 6.27 -7.61
C4 MAN E . 3.59 5.63 -6.29
C5 MAN E . 2.33 4.80 -6.58
C6 MAN E . 1.87 3.99 -5.37
O2 MAN E . 3.32 7.76 -9.27
O3 MAN E . 4.87 7.43 -7.32
O4 MAN E . 4.59 4.80 -5.76
O5 MAN E . 1.26 5.69 -6.95
O6 MAN E . 2.36 4.64 -4.19
C1 MAN E . -5.63 13.41 -4.60
C2 MAN E . -6.92 12.62 -5.01
C3 MAN E . -7.05 12.51 -6.51
C4 MAN E . -6.99 13.89 -7.14
C5 MAN E . -5.62 14.52 -6.89
C6 MAN E . -5.57 15.98 -7.30
O2 MAN E . -8.10 13.28 -4.55
O3 MAN E . -8.26 11.86 -6.88
O4 MAN E . -7.20 13.78 -8.55
O5 MAN E . -5.22 14.47 -5.48
O6 MAN E . -4.26 16.45 -7.05
C1 NAG F . 4.98 36.29 -18.75
C2 NAG F . 4.51 36.89 -17.43
C3 NAG F . 3.74 38.19 -17.68
C4 NAG F . 4.55 39.15 -18.54
C5 NAG F . 5.03 38.45 -19.81
C6 NAG F . 5.95 39.30 -20.65
C7 NAG F . 4.16 35.21 -15.67
C8 NAG F . 3.17 34.30 -15.02
N2 NAG F . 3.69 35.95 -16.69
O3 NAG F . 3.45 38.80 -16.43
O4 NAG F . 3.75 40.26 -18.93
O5 NAG F . 5.73 37.25 -19.48
O6 NAG F . 7.13 39.63 -19.94
O7 NAG F . 5.32 35.28 -15.30
C1 NAG F . 3.98 41.41 -18.09
C2 NAG F . 3.65 42.68 -18.86
C3 NAG F . 3.79 43.91 -17.96
C4 NAG F . 2.96 43.74 -16.70
C5 NAG F . 3.34 42.43 -16.00
C6 NAG F . 2.46 42.12 -14.81
C7 NAG F . 4.13 42.40 -21.25
C8 NAG F . 5.13 42.62 -22.35
N2 NAG F . 4.50 42.82 -20.03
O3 NAG F . 3.37 45.06 -18.66
O4 NAG F . 3.20 44.83 -15.81
O5 NAG F . 3.17 41.33 -16.91
O6 NAG F . 1.17 41.69 -15.20
O7 NAG F . 3.04 41.87 -21.46
C1 BMA F . 1.98 45.53 -15.53
C2 BMA F . 2.15 46.25 -14.18
C3 BMA F . 0.90 47.08 -13.87
C4 BMA F . 0.51 47.97 -15.06
C5 BMA F . 0.40 47.15 -16.36
C6 BMA F . 0.14 48.01 -17.57
O2 BMA F . 3.23 47.18 -14.25
O3 BMA F . 1.07 47.86 -12.70
O4 BMA F . -0.73 48.61 -14.79
O5 BMA F . 1.65 46.45 -16.56
O6 BMA F . 1.16 49.00 -17.59
C1 MAN F . 0.89 50.00 -18.60
C2 MAN F . 2.15 50.88 -18.70
C3 MAN F . 2.32 51.64 -17.39
C4 MAN F . 1.06 52.46 -17.07
C5 MAN F . -0.17 51.54 -17.05
C6 MAN F . -1.48 52.30 -16.90
O2 MAN F . 2.02 51.87 -19.71
O3 MAN F . 3.48 52.48 -17.41
O4 MAN F . 1.21 53.09 -15.81
O5 MAN F . -0.26 50.77 -18.27
O6 MAN F . -2.55 51.38 -17.07
C1 NAG G . 2.07 23.31 -31.60
C2 NAG G . 0.91 23.51 -30.64
C3 NAG G . 0.52 22.17 -29.99
C4 NAG G . 0.32 21.09 -31.04
C5 NAG G . 1.49 21.05 -32.02
C6 NAG G . 1.26 20.12 -33.19
C7 NAG G . 0.95 25.79 -29.72
C8 NAG G . 1.37 26.65 -28.57
N2 NAG G . 1.24 24.48 -29.61
O3 NAG G . -0.69 22.35 -29.27
O4 NAG G . 0.25 19.82 -30.39
O5 NAG G . 1.72 22.35 -32.58
O6 NAG G . 0.00 20.36 -33.81
O7 NAG G . 0.38 26.24 -30.70
C1 NAG G . -1.07 19.25 -30.46
C2 NAG G . -0.97 17.79 -30.02
C3 NAG G . -2.35 17.14 -30.04
C4 NAG G . -3.34 17.97 -29.22
C5 NAG G . -3.32 19.42 -29.65
C6 NAG G . -4.14 20.31 -28.74
C7 NAG G . 1.27 17.01 -30.65
C8 NAG G . 2.07 16.20 -31.63
N2 NAG G . -0.05 17.05 -30.86
O3 NAG G . -2.24 15.83 -29.50
O4 NAG G . -4.66 17.47 -29.45
O5 NAG G . -1.97 19.94 -29.60
O6 NAG G . -3.55 20.44 -27.45
O7 NAG G . 1.80 17.62 -29.72
C1 BMA G . -5.08 16.56 -28.42
C2 BMA G . -6.61 16.67 -28.35
C3 BMA G . -7.21 15.59 -27.43
C4 BMA G . -6.62 14.20 -27.73
C5 BMA G . -5.08 14.26 -27.74
C6 BMA G . -4.45 12.92 -28.10
O2 BMA G . -7.20 16.47 -29.62
O3 BMA G . -8.63 15.53 -27.56
O4 BMA G . -7.05 13.27 -26.73
O5 BMA G . -4.67 15.22 -28.72
O6 BMA G . -3.28 13.17 -28.89
C1 MAN G . -9.27 16.26 -26.50
C2 MAN G . -10.78 15.96 -26.57
C3 MAN G . -11.58 17.26 -26.43
C4 MAN G . -11.03 18.11 -25.28
C5 MAN G . -9.57 18.51 -25.57
C6 MAN G . -8.66 18.44 -24.36
O2 MAN G . -11.20 15.11 -25.49
O3 MAN G . -12.96 16.99 -26.22
O4 MAN G . -11.80 19.29 -25.15
O5 MAN G . -9.01 17.65 -26.61
O6 MAN G . -9.19 17.47 -23.45
C1 MAN G . -10.97 13.74 -25.86
C2 MAN G . -12.27 12.94 -25.55
C3 MAN G . -12.48 12.82 -24.03
C4 MAN G . -11.20 12.35 -23.31
C5 MAN G . -10.01 13.23 -23.70
C6 MAN G . -8.70 12.75 -23.12
O2 MAN G . -12.20 11.61 -26.05
O3 MAN G . -13.56 11.94 -23.73
O4 MAN G . -11.39 12.41 -21.91
O5 MAN G . -9.88 13.22 -25.15
O6 MAN G . -8.61 11.35 -23.32
C1 MAN G . -2.56 11.93 -29.03
C2 MAN G . -1.06 12.23 -28.70
C3 MAN G . -0.38 12.98 -29.84
C4 MAN G . -0.64 12.28 -31.19
C5 MAN G . -2.15 12.17 -31.42
C6 MAN G . -2.50 11.47 -32.72
O2 MAN G . -0.31 11.01 -28.53
O3 MAN G . 1.02 13.13 -29.63
O4 MAN G . -0.05 13.04 -32.25
O5 MAN G . -2.72 11.39 -30.34
O6 MAN G . -1.88 12.17 -33.80
C1 NAG H . 7.52 25.71 2.09
C2 NAG H . 6.58 26.80 1.62
C3 NAG H . 7.26 27.68 0.57
C4 NAG H . 8.63 28.16 1.05
C5 NAG H . 9.45 27.00 1.59
C6 NAG H . 10.73 27.47 2.25
C7 NAG H . 4.15 26.40 1.65
C8 NAG H . 4.11 27.23 2.90
N2 NAG H . 5.35 26.23 1.09
O3 NAG H . 6.42 28.79 0.28
O4 NAG H . 9.33 28.73 -0.05
O5 NAG H . 8.72 26.29 2.59
O6 NAG H . 10.50 28.54 3.15
O7 NAG H . 3.13 25.91 1.17
C1 NAG H . 9.25 30.16 0.00
C2 NAG H . 10.41 30.71 -0.84
C3 NAG H . 10.36 32.23 -0.87
C4 NAG H . 8.99 32.74 -1.30
C5 NAG H . 7.90 32.08 -0.47
C6 NAG H . 6.50 32.41 -0.94
C7 NAG H . 12.51 29.46 -1.03
C8 NAG H . 13.78 29.07 -0.34
N2 NAG H . 11.68 30.24 -0.33
O3 NAG H . 11.36 32.71 -1.77
O4 NAG H . 8.91 34.14 -1.10
O5 NAG H . 8.02 30.65 -0.51
O6 NAG H . 5.59 31.34 -0.73
O7 NAG H . 12.24 29.07 -2.17
C1 BMA H . 8.86 34.84 -2.35
C2 BMA H . 8.48 36.28 -2.00
C3 BMA H . 8.57 37.17 -3.24
C4 BMA H . 9.93 37.00 -3.93
C5 BMA H . 10.23 35.51 -4.22
C6 BMA H . 11.65 35.31 -4.70
O2 BMA H . 9.36 36.83 -1.04
O3 BMA H . 8.39 38.54 -2.91
O4 BMA H . 9.95 37.73 -5.15
O5 BMA H . 10.11 34.77 -2.99
O6 BMA H . 12.51 35.81 -3.69
C1 MAN H . 13.64 36.47 -4.28
C2 MAN H . 14.59 36.82 -3.09
C3 MAN H . 14.26 38.18 -2.49
C4 MAN H . 14.26 39.24 -3.57
C5 MAN H . 13.16 38.96 -4.59
C6 MAN H . 13.27 39.86 -5.81
O2 MAN H . 15.95 36.90 -3.52
O3 MAN H . 15.18 38.53 -1.45
O4 MAN H . 14.02 40.51 -2.99
O5 MAN H . 13.18 37.57 -5.09
O6 MAN H . 14.52 39.61 -6.44
C1 MAN H . 14.55 38.40 -0.16
C2 MAN H . 14.95 37.02 0.42
C3 MAN H . 14.27 36.78 1.77
C4 MAN H . 12.74 37.05 1.71
C5 MAN H . 12.39 38.38 0.98
C6 MAN H . 12.63 39.61 1.84
O2 MAN H . 16.36 36.95 0.66
O3 MAN H . 14.87 37.53 2.82
O4 MAN H . 12.09 35.97 1.07
O5 MAN H . 13.14 38.51 -0.26
O6 MAN H . 12.31 39.29 3.19
C1 MAN H . 16.82 35.59 0.45
C2 MAN H . 18.11 35.41 1.31
C3 MAN H . 19.06 34.41 0.65
C4 MAN H . 18.26 33.36 -0.11
C5 MAN H . 17.60 34.03 -1.32
C6 MAN H . 16.51 33.20 -1.97
O2 MAN H . 17.81 34.87 2.59
O3 MAN H . 19.94 33.80 1.59
O4 MAN H . 19.13 32.34 -0.57
O5 MAN H . 17.04 35.34 -0.94
O6 MAN H . 17.12 32.15 -2.72
C1 NAG I . -10.42 18.30 7.75
C2 NAG I . -10.78 18.52 6.28
C3 NAG I . -12.30 18.46 6.10
C4 NAG I . -12.87 17.18 6.69
C5 NAG I . -12.38 16.99 8.13
C6 NAG I . -12.79 15.65 8.71
C7 NAG I . -9.40 19.88 4.77
C8 NAG I . -8.97 21.27 4.40
N2 NAG I . -10.26 19.79 5.79
O3 NAG I . -12.61 18.55 4.72
O4 NAG I . -14.29 17.27 6.72
O5 NAG I . -10.95 17.06 8.19
O6 NAG I . -12.03 15.34 9.88
O7 NAG I . -8.99 18.89 4.17
C1 NAG I . -14.88 16.51 5.64
C2 NAG I . -16.21 15.93 6.14
C3 NAG I . -16.92 15.18 5.02
C4 NAG I . -17.06 16.06 3.79
C5 NAG I . -15.71 16.64 3.39
C6 NAG I . -15.81 17.64 2.26
C7 NAG I . -16.41 15.36 8.52
C8 NAG I . -17.12 16.67 8.68
N2 NAG I . -16.00 15.06 7.29
O3 NAG I . -18.20 14.76 5.47
O4 NAG I . -17.57 15.27 2.71
O5 NAG I . -15.13 17.34 4.50
O6 NAG I . -15.99 18.96 2.75
O7 NAG I . -16.21 14.61 9.47
C1 BMA I . -18.86 15.75 2.26
C2 BMA I . -19.04 15.25 0.81
C3 BMA I . -20.42 15.63 0.28
C4 BMA I . -21.52 15.19 1.27
C5 BMA I . -21.23 15.73 2.68
C6 BMA I . -22.24 15.26 3.71
O2 BMA I . -18.95 13.84 0.77
O3 BMA I . -20.68 15.06 -1.00
O4 BMA I . -22.78 15.65 0.82
O5 BMA I . -19.92 15.29 3.10
O6 BMA I . -23.54 15.31 3.13
C1 MAN I . -19.64 15.40 -1.94
C2 MAN I . -19.88 16.84 -2.45
C3 MAN I . -21.16 16.88 -3.29
C4 MAN I . -21.16 15.79 -4.38
C5 MAN I . -20.89 14.41 -3.74
C6 MAN I . -20.75 13.29 -4.75
O2 MAN I . -18.84 17.27 -3.32
O3 MAN I . -21.35 18.16 -3.89
O4 MAN I . -22.42 15.75 -5.03
O5 MAN I . -19.64 14.48 -3.01
O6 MAN I . -21.02 13.82 -6.05
C1 NAG J . -6.69 30.57 20.76
C2 NAG J . -7.18 31.13 19.43
C3 NAG J . -6.12 32.04 18.82
C4 NAG J . -5.64 33.07 19.84
C5 NAG J . -5.32 32.44 21.19
C6 NAG J . -5.07 33.46 22.27
C7 NAG J . -8.75 29.54 18.41
C8 NAG J . -8.92 28.45 17.40
N2 NAG J . -7.52 30.06 18.50
O3 NAG J . -6.68 32.70 17.70
O4 NAG J . -4.43 33.65 19.35
O5 NAG J . -6.42 31.63 21.64
O6 NAG J . -4.75 32.85 23.52
O7 NAG J . -9.68 29.93 19.11
C1 NAG J . -4.61 35.04 19.06
C2 NAG J . -3.21 35.63 18.87
C3 NAG J . -3.30 37.07 18.40
C4 NAG J . -4.19 37.19 17.17
C5 NAG J . -5.56 36.58 17.49
C6 NAG J . -6.52 36.54 16.32
C7 NAG J . -1.57 34.55 20.33
C8 NAG J . -0.88 34.60 21.66
N2 NAG J . -2.44 35.53 20.10
O3 NAG J . -1.99 37.55 18.10
O4 NAG J . -4.27 38.56 16.81
O5 NAG J . -5.37 35.20 17.88
O6 NAG J . -6.17 35.52 15.39
O7 NAG J . -1.34 33.66 19.52
C1 BMA J . -4.30 38.62 15.35
C2 BMA J . -4.54 40.06 14.88
C3 BMA J . -5.09 39.82 13.50
C4 BMA J . -4.05 39.08 12.59
C5 BMA J . -3.35 37.87 13.33
C6 BMA J . -2.05 37.43 12.66
O2 BMA J . -3.32 40.76 14.73
O3 BMA J . -5.63 40.98 12.88
O4 BMA J . -4.71 38.58 11.44
O5 BMA J . -3.07 38.19 14.72
O6 BMA J . -2.30 37.31 11.26
C1 MAN J . -6.97 41.24 13.38
C2 MAN J . -7.81 39.91 13.46
C3 MAN J . -8.23 39.42 12.06
C4 MAN J . -8.75 40.56 11.17
C5 MAN J . -7.76 41.75 11.18
C6 MAN J . -8.24 42.93 10.37
O2 MAN J . -9.03 40.12 14.19
O3 MAN J . -9.19 38.38 12.14
O4 MAN J . -8.87 40.09 9.84
O5 MAN J . -7.59 42.18 12.54
O6 MAN J . -9.52 43.32 10.86
C1 NAG K . -16.93 -20.88 -3.77
C2 NAG K . -18.45 -20.64 -3.68
C3 NAG K . -19.06 -21.54 -2.61
C4 NAG K . -18.64 -22.99 -2.79
C5 NAG K . -17.13 -23.10 -2.95
C6 NAG K . -16.67 -24.50 -3.29
C7 NAG K . -19.45 -18.46 -4.24
C8 NAG K . -19.65 -17.05 -3.81
N2 NAG K . -18.74 -19.24 -3.41
O3 NAG K . -20.48 -21.43 -2.67
O4 NAG K . -19.03 -23.73 -1.64
O5 NAG K . -16.68 -22.25 -4.01
O6 NAG K . -15.30 -24.69 -2.98
O7 NAG K . -19.90 -18.89 -5.30
C1 NAG K . -20.13 -24.60 -1.94
C2 NAG K . -20.10 -25.76 -0.95
C3 NAG K . -21.28 -26.70 -1.19
C4 NAG K . -22.60 -25.91 -1.21
C5 NAG K . -22.50 -24.73 -2.17
C6 NAG K . -23.71 -23.83 -2.12
C7 NAG K . -18.01 -26.65 -0.01
C8 NAG K . -18.43 -26.03 1.28
N2 NAG K . -18.85 -26.49 -1.04
O3 NAG K . -21.32 -27.67 -0.16
O4 NAG K . -23.63 -26.77 -1.68
O5 NAG K . -21.37 -23.91 -1.84
O6 NAG K . -23.35 -22.46 -2.28
O7 NAG K . -16.95 -27.28 -0.13
C1 BMA K . -24.69 -26.93 -0.70
C2 BMA K . -25.92 -27.40 -1.48
C3 BMA K . -27.06 -27.74 -0.52
C4 BMA K . -26.59 -28.68 0.59
C5 BMA K . -25.33 -28.14 1.28
C6 BMA K . -24.76 -29.16 2.22
O2 BMA K . -25.64 -28.60 -2.20
O3 BMA K . -28.15 -28.34 -1.20
O4 BMA K . -27.63 -28.86 1.55
O5 BMA K . -24.32 -27.85 0.30
O6 BMA K . -24.49 -30.32 1.44
C1 MAN K . -23.65 -31.23 2.19
C2 MAN K . -22.59 -31.77 1.18
C3 MAN K . -23.02 -33.03 0.45
C4 MAN K . -23.46 -34.08 1.50
C5 MAN K . -24.68 -33.56 2.29
C6 MAN K . -25.02 -34.45 3.46
O2 MAN K . -21.38 -32.12 1.86
O3 MAN K . -21.87 -33.39 -0.38
O4 MAN K . -23.86 -35.32 0.93
O5 MAN K . -24.49 -32.22 2.84
O6 MAN K . -23.96 -34.37 4.40
C1 MAN K . -21.66 -34.74 -0.84
C2 MAN K . -20.21 -34.76 -1.40
C3 MAN K . -20.16 -33.91 -2.66
C4 MAN K . -21.22 -34.35 -3.68
C5 MAN K . -22.62 -34.33 -3.03
C6 MAN K . -23.69 -34.89 -3.95
O2 MAN K . -19.80 -36.08 -1.79
O3 MAN K . -18.87 -33.91 -3.26
O4 MAN K . -21.21 -33.47 -4.79
O5 MAN K . -22.61 -35.11 -1.81
O6 MAN K . -24.96 -34.77 -3.29
C1 MAN K . -18.49 -36.40 -1.27
C2 MAN K . -18.56 -37.91 -0.80
C3 MAN K . -17.78 -38.18 0.49
C4 MAN K . -16.65 -37.18 0.66
C5 MAN K . -17.32 -35.84 0.90
C6 MAN K . -16.36 -34.72 1.36
O2 MAN K . -18.00 -38.78 -1.77
O3 MAN K . -17.28 -39.52 0.54
O4 MAN K . -15.87 -37.53 1.78
O5 MAN K . -18.06 -35.41 -0.29
O6 MAN K . -16.43 -34.58 2.81
C1 NAG L . -19.33 -3.04 -12.75
C2 NAG L . -19.97 -2.61 -11.44
C3 NAG L . -20.77 -1.33 -11.65
C4 NAG L . -19.91 -0.24 -12.30
C5 NAG L . -19.21 -0.77 -13.55
C6 NAG L . -18.19 0.19 -14.11
C7 NAG L . -20.50 -4.32 -9.76
C8 NAG L . -21.48 -5.36 -9.32
N2 NAG L . -20.81 -3.65 -10.88
O3 NAG L . -21.26 -0.87 -10.39
O4 NAG L . -20.75 0.84 -12.71
O5 NAG L . -18.50 -1.99 -13.26
O6 NAG L . -17.20 -0.48 -14.87
O7 NAG L . -19.47 -4.07 -9.13
C1 NAG L . -20.81 1.96 -11.80
C2 NAG L . -20.85 3.25 -12.64
C3 NAG L . -20.99 4.47 -11.74
C4 NAG L . -22.19 4.32 -10.81
C5 NAG L . -22.12 3.00 -10.06
C6 NAG L . -23.38 2.71 -9.26
C7 NAG L . -19.73 3.33 -14.82
C8 NAG L . -18.41 3.48 -15.53
N2 NAG L . -19.67 3.37 -13.48
O3 NAG L . -21.13 5.64 -12.53
O4 NAG L . -22.17 5.41 -9.90
O5 NAG L . -21.96 1.90 -10.97
O6 NAG L . -23.27 3.13 -7.91
O7 NAG L . -20.78 3.17 -15.42
C1 BMA L . -23.39 6.20 -9.85
C2 BMA L . -23.72 6.30 -8.35
C3 BMA L . -24.90 7.23 -8.09
C4 BMA L . -24.76 8.55 -8.85
C5 BMA L . -24.46 8.32 -10.34
C6 BMA L . -24.30 9.67 -11.04
O2 BMA L . -22.61 6.87 -7.65
O3 BMA L . -24.99 7.55 -6.69
O4 BMA L . -25.97 9.30 -8.73
O5 BMA L . -23.27 7.50 -10.46
O6 BMA L . -23.49 9.60 -12.19
C1 MAN L . -25.75 6.56 -5.95
C2 MAN L . -26.30 7.28 -4.70
C3 MAN L . -25.14 7.68 -3.78
C4 MAN L . -24.23 6.48 -3.47
C5 MAN L . -23.77 5.82 -4.78
C6 MAN L . -22.97 4.55 -4.57
O2 MAN L . -27.13 6.41 -3.92
O3 MAN L . -25.61 8.27 -2.58
O4 MAN L . -23.08 6.93 -2.76
O5 MAN L . -24.94 5.47 -5.58
O6 MAN L . -23.84 3.55 -4.03
C1 MAN L . -23.72 10.80 -12.97
C2 MAN L . -22.73 10.82 -14.18
C3 MAN L . -21.34 11.27 -13.74
C4 MAN L . -21.42 12.60 -13.01
C5 MAN L . -22.28 12.42 -11.77
C6 MAN L . -22.41 13.72 -10.99
O2 MAN L . -23.15 11.75 -15.18
O3 MAN L . -20.43 11.37 -14.82
O4 MAN L . -20.12 13.00 -12.63
O5 MAN L . -23.61 12.00 -12.16
O6 MAN L . -21.11 14.27 -10.81
C1 NAG M . -23.61 -15.53 -25.85
C2 NAG M . -24.68 -15.22 -24.82
C3 NAG M . -25.08 -16.48 -24.08
C4 NAG M . -25.47 -17.60 -25.04
C5 NAG M . -24.40 -17.77 -26.13
C6 NAG M . -24.82 -18.72 -27.21
C7 NAG M . -24.48 -12.88 -24.11
C8 NAG M . -23.94 -11.94 -23.07
N2 NAG M . -24.23 -14.19 -23.90
O3 NAG M . -26.19 -16.17 -23.23
O4 NAG M . -25.54 -18.84 -24.34
O5 NAG M . -24.09 -16.51 -26.77
O6 NAG M . -23.82 -18.86 -28.22
O7 NAG M . -25.11 -12.49 -25.08
C1 NAG M . -26.77 -19.26 -23.74
C2 NAG M . -26.54 -20.71 -23.26
C3 NAG M . -27.71 -21.22 -22.41
C4 NAG M . -28.02 -20.23 -21.29
C5 NAG M . -28.36 -18.90 -21.92
C6 NAG M . -28.72 -17.84 -20.91
C7 NAG M . -25.09 -21.82 -24.90
C8 NAG M . -25.03 -22.77 -26.04
N2 NAG M . -26.30 -21.60 -24.38
O3 NAG M . -27.37 -22.49 -21.86
O4 NAG M . -29.02 -20.69 -20.38
O5 NAG M . -27.21 -18.43 -22.64
O6 NAG M . -27.79 -16.76 -20.96
O7 NAG M . -24.09 -21.27 -24.45
C1 BMA M . -30.23 -21.21 -20.97
C2 BMA M . -30.39 -22.67 -20.46
C3 BMA M . -31.78 -23.22 -20.82
C4 BMA M . -32.89 -22.25 -20.42
C5 BMA M . -32.62 -20.88 -21.06
C6 BMA M . -33.67 -19.85 -20.66
O2 BMA M . -30.30 -22.72 -19.05
O3 BMA M . -32.00 -24.49 -20.23
O4 BMA M . -34.14 -22.74 -20.85
O5 BMA M . -31.34 -20.40 -20.61
O6 BMA M . -34.95 -20.43 -20.79
C1 NAG N . -14.98 -15.15 7.01
C2 NAG N . -15.95 -14.02 6.72
C3 NAG N . -15.38 -13.10 5.65
C4 NAG N . -13.97 -12.66 5.99
C5 NAG N . -13.10 -13.85 6.36
C6 NAG N . -11.73 -13.47 6.87
C7 NAG N . -18.37 -14.36 7.00
C8 NAG N . -19.61 -14.99 6.41
N2 NAG N . -17.25 -14.55 6.30
O3 NAG N . -16.24 -11.97 5.51
O4 NAG N . -13.38 -12.04 4.84
O5 NAG N . -13.73 -14.61 7.39
O6 NAG N . -11.83 -12.66 8.04
O7 NAG N . -18.40 -13.74 8.05
C1 NAG N . -13.46 -10.61 4.94
C2 NAG N . -12.40 -10.02 4.01
C3 NAG N . -12.48 -8.49 4.02
C4 NAG N . -13.90 -8.02 3.73
C5 NAG N . -14.90 -8.72 4.64
C6 NAG N . -16.34 -8.42 4.29
C7 NAG N . -10.29 -11.19 3.60
C8 NAG N . -10.84 -11.54 2.26
N2 NAG N . -11.07 -10.46 4.39
O3 NAG N . -11.59 -7.97 3.05
O4 NAG N . -13.99 -6.62 3.94
O5 NAG N . -14.75 -10.14 4.55
O6 NAG N . -17.23 -9.29 4.97
O7 NAG N . -9.16 -11.56 3.96
C1 BMA N . -14.33 -5.90 2.75
C2 BMA N . -14.72 -4.49 3.16
C3 BMA N . -14.96 -3.60 1.95
C4 BMA N . -13.78 -3.70 0.97
C5 BMA N . -13.45 -5.15 0.63
C6 BMA N . -12.18 -5.19 -0.12
O2 BMA N . -13.66 -3.88 3.90
O3 BMA N . -15.09 -2.26 2.38
O4 BMA N . -14.07 -2.99 -0.23
O5 BMA N . -13.24 -5.89 1.84
O6 BMA N . -11.29 -4.55 0.78
C1 MAN N . -9.93 -4.57 0.29
C2 MAN N . -9.08 -4.79 1.55
C3 MAN N . -9.17 -3.59 2.50
C4 MAN N . -8.92 -2.26 1.73
C5 MAN N . -9.82 -2.18 0.48
C6 MAN N . -9.53 -0.97 -0.38
O2 MAN N . -7.70 -4.93 1.21
O3 MAN N . -8.22 -3.75 3.54
O4 MAN N . -9.19 -1.15 2.56
O5 MAN N . -9.62 -3.35 -0.33
O6 MAN N . -9.99 -1.24 -1.69
C1 MAN N . -8.61 -3.18 4.81
C2 MAN N . -7.79 -3.98 5.87
C3 MAN N . -8.63 -4.18 7.12
C4 MAN N . -9.40 -2.91 7.44
C5 MAN N . -10.46 -2.66 6.34
C6 MAN N . -10.74 -1.18 6.11
O2 MAN N . -6.68 -3.20 6.30
O3 MAN N . -7.85 -4.60 8.23
O4 MAN N . -10.04 -3.03 8.70
O5 MAN N . -10.02 -3.25 5.07
O6 MAN N . -10.32 -0.46 7.26
C1 MAN N . -5.43 -3.91 6.09
C2 MAN N . -5.17 -4.08 4.58
C3 MAN N . -3.79 -4.67 4.39
C4 MAN N . -3.52 -5.94 5.28
C5 MAN N . -4.19 -5.87 6.71
C6 MAN N . -3.31 -5.17 7.74
O2 MAN N . -5.17 -2.83 3.90
O3 MAN N . -2.77 -3.69 4.59
O4 MAN N . -3.93 -7.12 4.60
O5 MAN N . -5.46 -5.19 6.69
O6 MAN N . -2.84 -6.16 8.66
C1 MAN N . -16.09 -1.55 1.62
C2 MAN N . -16.23 -0.17 2.36
C3 MAN N . -17.26 -0.22 3.46
C4 MAN N . -18.58 -0.73 2.92
C5 MAN N . -18.41 -2.18 2.43
C6 MAN N . -19.64 -2.66 1.68
O2 MAN N . -16.66 0.86 1.47
O3 MAN N . -17.44 1.05 4.08
O4 MAN N . -19.55 -0.71 3.95
O5 MAN N . -17.28 -2.35 1.53
O6 MAN N . -19.28 -3.85 0.98
C1 NAG O . -32.13 -22.75 13.98
C2 NAG O . -32.53 -22.70 12.50
C3 NAG O . -34.05 -22.74 12.35
C4 NAG O . -34.63 -23.91 13.13
C5 NAG O . -34.15 -23.88 14.58
C6 NAG O . -34.61 -25.07 15.39
C7 NAG O . -30.92 -21.54 11.05
C8 NAG O . -30.52 -20.22 10.46
N2 NAG O . -31.99 -21.51 11.85
O3 NAG O . -34.38 -22.84 10.97
O4 NAG O . -36.06 -23.84 13.12
O5 NAG O . -32.71 -23.90 14.60
O6 NAG O . -33.96 -26.26 14.97
O7 NAG O . -30.31 -22.57 10.81
C1 NAG O . -36.57 -24.77 12.15
C2 NAG O . -37.96 -25.22 12.59
C3 NAG O . -38.56 -26.17 11.56
C4 NAG O . -38.53 -25.55 10.17
C5 NAG O . -37.11 -25.06 9.84
C6 NAG O . -37.04 -24.31 8.53
C7 NAG O . -38.31 -25.24 15.03
C8 NAG O . -38.19 -26.04 16.28
N2 NAG O . -37.91 -25.85 13.90
O3 NAG O . -39.90 -26.47 11.92
O4 NAG O . -38.90 -26.53 9.22
O5 NAG O . -36.64 -24.17 10.86
O6 NAG O . -37.55 -22.99 8.67
O7 NAG O . -38.75 -24.10 15.01
C1 BMA O . -40.14 -26.18 8.57
C2 BMA O . -40.27 -27.10 7.34
C3 BMA O . -41.65 -26.96 6.70
C4 BMA O . -42.77 -27.07 7.74
C5 BMA O . -42.54 -26.06 8.87
C6 BMA O . -43.60 -26.13 9.95
O2 BMA O . -40.15 -28.46 7.73
O3 BMA O . -41.84 -27.92 5.66
O4 BMA O . -44.03 -26.83 7.12
O5 BMA O . -41.26 -26.33 9.46
O6 BMA O . -44.84 -26.52 9.33
C1 MAN O . -45.79 -26.96 10.33
C2 MAN O . -45.21 -28.22 11.04
C3 MAN O . -45.18 -29.40 10.08
C4 MAN O . -46.54 -29.61 9.38
C5 MAN O . -46.98 -28.29 8.71
C6 MAN O . -48.34 -28.39 8.06
O2 MAN O . -46.04 -28.62 12.13
O3 MAN O . -44.78 -30.61 10.72
O4 MAN O . -46.44 -30.62 8.40
O5 MAN O . -47.03 -27.25 9.70
O6 MAN O . -49.28 -28.84 9.04
C1 NAG P . -27.03 -10.67 27.32
C2 NAG P . -27.53 -9.99 26.05
C3 NAG P . -26.49 -9.01 25.54
C4 NAG P . -25.98 -8.09 26.65
C5 NAG P . -25.64 -8.87 27.91
C6 NAG P . -25.34 -7.97 29.10
C7 NAG P . -29.09 -11.43 24.82
C8 NAG P . -29.24 -12.44 23.73
N2 NAG P . -27.85 -10.97 25.03
O3 NAG P . -27.07 -8.22 24.50
O4 NAG P . -24.77 -7.47 26.20
O5 NAG P . -26.74 -9.70 28.30
O6 NAG P . -26.48 -7.20 29.46
O7 NAG P . -30.05 -11.04 25.47
C1 NAG P . -24.99 -6.10 25.84
C2 NAG P . -23.62 -5.47 25.61
C3 NAG P . -23.77 -4.01 25.21
C4 NAG P . -24.70 -3.87 24.02
C5 NAG P . -26.02 -4.61 24.26
C6 NAG P . -26.91 -4.67 23.04
C7 NAG P . -21.89 -6.58 26.95
C8 NAG P . -21.11 -6.56 28.23
N2 NAG P . -22.78 -5.60 26.80
O3 NAG P . -22.48 -3.50 24.91
O4 NAG P . -25.02 -2.50 23.81
O5 NAG P . -25.77 -5.97 24.66
O6 NAG P . -26.36 -5.52 22.04
O7 NAG P . -21.73 -7.45 26.10
C1 BMA P . -24.09 -1.85 22.92
C2 BMA P . -24.86 -0.82 22.09
C3 BMA P . -23.92 0.08 21.29
C4 BMA P . -22.74 0.59 22.15
C5 BMA P . -22.06 -0.57 22.88
C6 BMA P . -20.95 -0.11 23.81
O2 BMA P . -25.60 0.05 22.95
O3 BMA P . -24.60 1.20 20.73
O4 BMA P . -21.79 1.25 21.33
O5 BMA P . -23.04 -1.25 23.68
O6 BMA P . -20.61 -1.17 24.69
C1 MAN P . -25.39 0.80 19.58
C2 MAN P . -25.38 1.99 18.60
C3 MAN P . -26.15 3.17 19.19
C4 MAN P . -27.56 2.73 19.67
C5 MAN P . -27.43 1.53 20.62
C6 MAN P . -28.77 0.97 21.05
O2 MAN P . -26.06 1.66 17.38
O3 MAN P . -26.25 4.25 18.28
O4 MAN P . -28.20 3.80 20.33
O5 MAN P . -26.72 0.47 19.96
O6 MAN P . -29.56 2.04 21.58
C1 ERG Q . 23.76 21.52 -18.58
C2 ERG Q . 24.33 20.89 -17.32
C3 ERG Q . 23.23 20.25 -16.49
C4 ERG Q . 22.50 19.19 -17.32
C5 ERG Q . 22.04 19.72 -18.66
C6 ERG Q . 20.80 19.51 -19.10
C7 ERG Q . 20.52 19.69 -20.47
C8 ERG Q . 21.16 20.62 -21.19
C9 ERG Q . 22.44 21.25 -20.67
C10 ERG Q . 23.07 20.48 -19.49
C11 ERG Q . 23.47 21.55 -21.78
C12 ERG Q . 22.86 22.09 -23.08
C13 ERG Q . 21.77 21.17 -23.61
C14 ERG Q . 20.66 21.14 -22.51
C15 ERG Q . 19.45 20.51 -23.22
C16 ERG Q . 19.64 20.83 -24.72
C17 ERG Q . 20.95 21.65 -24.81
C18 ERG Q . 22.32 19.75 -23.84
C19 ERG Q . 24.12 19.46 -19.99
C20 ERG Q . 21.57 21.60 -26.21
C21 ERG Q . 22.01 22.97 -26.73
C22 ERG Q . 20.66 20.92 -27.21
C23 ERG Q . 20.24 21.43 -28.35
C24 ERG Q . 19.34 20.75 -29.34
C25 ERG Q . 20.11 20.30 -30.60
C26 ERG Q . 20.91 21.43 -31.21
C27 ERG Q . 20.99 19.09 -30.32
C28 ERG Q . 18.59 19.60 -28.66
O1 ERG Q . 23.77 19.66 -15.31
S SO4 R . 30.51 17.63 -10.13
O1 SO4 R . 30.42 16.58 -11.12
O2 SO4 R . 31.90 18.06 -10.02
O3 SO4 R . 29.68 18.76 -10.53
O4 SO4 R . 30.06 17.11 -8.84
S SO4 S . 25.16 -0.93 -17.60
O1 SO4 S . 24.89 -1.77 -18.76
O2 SO4 S . 25.97 -1.67 -16.64
O3 SO4 S . 25.89 0.26 -18.02
O4 SO4 S . 23.91 -0.53 -16.97
ZN ZN T . 19.71 36.29 -18.64
ZN ZN U . 31.91 15.79 -12.32
ZN ZN V . 2.85 24.66 -4.15
C1 PEG W . 6.12 19.82 -35.21
O1 PEG W . 5.83 21.22 -35.26
C2 PEG W . 7.57 19.56 -35.50
O2 PEG W . 8.00 18.43 -34.77
C3 PEG W . 8.84 18.77 -33.68
C4 PEG W . 9.19 17.55 -32.90
O4 PEG W . 9.12 17.78 -31.50
N CCN X . 9.46 28.16 -40.61
C1 CCN X . 9.76 27.12 -40.17
C2 CCN X . 10.14 25.82 -39.64
N CCN Y . 21.54 31.72 5.53
C1 CCN Y . 22.03 31.09 6.37
C2 CCN Y . 22.65 30.30 7.44
C1 PEG Z . 28.34 17.17 -5.32
O1 PEG Z . 29.09 18.37 -5.41
C2 PEG Z . 26.89 17.44 -5.12
O2 PEG Z . 26.65 17.78 -3.77
C3 PEG Z . 25.27 18.04 -3.50
C4 PEG Z . 25.02 17.88 -2.03
O4 PEG Z . 25.96 18.61 -1.26
N CCN AA . 29.24 17.03 -25.27
C1 CCN AA . 30.32 16.93 -25.68
C2 CCN AA . 31.67 16.82 -26.20
ZN ZN BA . 2.39 31.25 -18.45
ZN ZN CA . 6.95 12.65 -18.78
C1 PEG DA . 23.24 35.26 -44.97
O1 PEG DA . 22.86 35.19 -43.60
C2 PEG DA . 23.41 36.68 -45.41
O2 PEG DA . 22.79 36.86 -46.68
C3 PEG DA . 23.17 38.06 -47.32
C4 PEG DA . 24.49 37.87 -48.00
O4 PEG DA . 25.24 39.07 -48.03
S SO4 EA . 0.62 35.33 -17.88
O1 SO4 EA . 1.75 34.43 -18.11
O2 SO4 EA . 0.60 36.36 -18.90
O3 SO4 EA . -0.63 34.56 -17.95
O4 SO4 EA . 0.73 35.93 -16.56
C1 ERG FA . 11.12 13.06 16.84
C2 ERG FA . 12.38 12.86 16.00
C3 ERG FA . 12.59 14.04 15.07
C4 ERG FA . 12.69 15.32 15.86
C5 ERG FA . 11.53 15.50 16.82
C6 ERG FA . 10.87 16.66 16.90
C7 ERG FA . 10.10 16.92 18.06
C8 ERG FA . 9.47 15.94 18.70
C9 ERG FA . 9.85 14.47 18.44
C10 ERG FA . 11.20 14.32 17.71
C11 ERG FA . 9.77 13.58 19.70
C12 ERG FA . 8.59 13.87 20.62
C13 ERG FA . 8.56 15.35 21.01
C14 ERG FA . 8.35 16.15 19.70
C15 ERG FA . 7.98 17.56 20.19
C16 ERG FA . 7.34 17.37 21.58
C17 ERG FA . 7.33 15.85 21.81
C18 ERG FA . 9.87 15.76 21.69
C19 ERG FA . 12.36 14.15 18.73
C20 ERG FA . 7.22 15.46 23.30
C21 ERG FA . 6.15 14.41 23.57
C22 ERG FA . 7.07 16.65 24.22
C23 ERG FA . 6.12 16.83 25.10
C24 ERG FA . 5.97 18.00 26.04
C25 ERG FA . 6.67 19.26 25.49
C26 ERG FA . 5.90 19.88 24.33
C27 ERG FA . 6.89 20.29 26.59
C28 ERG FA . 4.50 18.23 26.38
O1 ERG FA . 13.79 13.85 14.32
S SO4 GA . 20.80 8.61 12.33
O1 SO4 GA . 21.02 7.19 12.56
O2 SO4 GA . 21.62 9.40 13.24
O3 SO4 GA . 21.15 8.93 10.95
O4 SO4 GA . 19.40 8.93 12.58
ZN ZN HA . -2.25 7.01 12.58
ZN ZN IA . 22.14 9.16 15.10
ZN ZN JA . -15.54 15.90 20.68
ZN ZN KA . -15.96 17.93 24.17
C1 PEG LA . 0.03 27.96 25.48
O1 PEG LA . 1.13 28.39 24.71
C2 PEG LA . -0.51 29.06 26.33
O2 PEG LA . -1.92 29.11 26.20
C3 PEG LA . -2.45 30.43 26.33
C4 PEG LA . -3.88 30.36 26.74
O4 PEG LA . -4.56 29.31 26.07
C1 PEG MA . -10.00 30.21 32.38
O1 PEG MA . -9.50 30.75 33.59
C2 PEG MA . -10.46 31.30 31.45
O2 PEG MA . -10.46 30.81 30.12
C3 PEG MA . -11.39 31.47 29.29
C4 PEG MA . -10.89 32.84 28.95
O4 PEG MA . -11.06 33.15 27.58
C1 PEG NA . -7.36 24.02 31.63
O1 PEG NA . -6.50 24.07 30.50
C2 PEG NA . -8.56 23.17 31.34
O2 PEG NA . -9.71 23.99 31.29
C3 PEG NA . -10.87 23.35 31.84
C4 PEG NA . -11.99 23.46 30.86
O4 PEG NA . -12.26 22.21 30.24
C1 PEG OA . 21.52 9.54 7.54
O1 PEG OA . 21.39 8.14 7.73
C2 PEG OA . 20.50 10.05 6.56
O2 PEG OA . 21.07 11.11 5.79
C3 PEG OA . 20.17 11.64 4.83
C4 PEG OA . 20.08 10.72 3.66
O4 PEG OA . 20.32 11.41 2.45
N CCN PA . 33.05 23.46 11.07
C1 CCN PA . 31.97 23.84 11.27
C2 CCN PA . 30.61 24.30 11.53
N CCN QA . 13.15 -9.12 6.53
C1 CCN QA . 12.74 -9.87 7.31
C2 CCN QA . 12.25 -10.83 8.30
ZN ZN RA . -7.70 23.42 7.31
ZN ZN SA . 8.91 31.36 12.94
S SO4 TA . -11.69 21.94 8.16
O1 SO4 TA . -12.50 20.81 8.62
O2 SO4 TA . -10.28 21.67 8.44
O3 SO4 TA . -11.87 22.11 6.72
O4 SO4 TA . -12.10 23.14 8.86
C1 ERG UA . -0.84 -18.18 -15.22
C2 ERG UA . -0.18 -18.92 -14.05
C3 ERG UA . -1.23 -19.64 -13.22
C4 ERG UA . -2.00 -20.62 -14.08
C5 ERG UA . -2.55 -19.99 -15.32
C6 ERG UA . -3.82 -20.18 -15.70
C7 ERG UA . -4.19 -19.90 -17.04
C8 ERG UA . -3.59 -18.92 -17.72
C9 ERG UA . -2.29 -18.30 -17.24
C10 ERG UA . -1.58 -19.15 -16.15
C11 ERG UA . -1.33 -17.89 -18.38
C12 ERG UA . -2.02 -17.27 -19.59
C13 ERG UA . -3.12 -18.17 -20.12
C14 ERG UA . -4.17 -18.31 -18.99
C15 ERG UA . -5.40 -18.92 -19.68
C16 ERG UA . -5.30 -18.48 -21.16
C17 ERG UA . -4.03 -17.60 -21.23
C18 ERG UA . -2.56 -19.56 -20.50
C19 ERG UA . -0.56 -20.12 -16.80
C20 ERG UA . -3.47 -17.50 -22.67
C21 ERG UA . -3.12 -16.06 -23.06
C22 ERG UA . -4.38 -18.11 -23.70
C23 ERG UA . -4.89 -17.48 -24.75
C24 ERG UA . -5.78 -18.08 -25.81
C25 ERG UA . -5.03 -19.11 -26.70
C26 ERG UA . -3.63 -18.63 -27.08
C27 ERG UA . -4.98 -20.50 -26.08
C28 ERG UA . -7.04 -18.67 -25.18
O1 ERG UA . -0.60 -20.34 -12.13
S SO4 VA . 6.83 -22.73 -7.54
O1 SO4 VA . 6.10 -22.76 -8.81
O2 SO4 VA . 7.07 -24.09 -7.09
O3 SO4 VA . 8.11 -22.07 -7.75
O4 SO4 VA . 6.07 -22.00 -6.54
ZN ZN WA . -4.62 -3.38 -13.77
ZN ZN XA . -17.52 -0.81 -30.08
ZN ZN YA . -16.68 0.56 -26.31
ZN ZN ZA . 7.87 -24.38 -9.91
C1 PEG AB . -23.52 -12.90 -19.36
O1 PEG AB . -24.37 -11.86 -18.89
C2 PEG AB . -24.29 -13.93 -20.11
O2 PEG AB . -24.46 -15.08 -19.30
C3 PEG AB . -23.43 -16.03 -19.49
C4 PEG AB . -24.03 -17.40 -19.63
O4 PEG AB . -25.43 -17.33 -19.85
C1 PEG BB . -16.28 -19.90 -28.24
O1 PEG BB . -16.48 -20.75 -27.12
C2 PEG BB . -17.36 -20.08 -29.25
O2 PEG BB . -17.72 -18.81 -29.78
C3 PEG BB . -18.70 -18.88 -30.79
C4 PEG BB . -20.00 -18.36 -30.27
O4 PEG BB . -20.03 -16.94 -30.30
C1 PEG CB . -16.14 -11.44 -34.48
O1 PEG CB . -15.45 -12.67 -34.73
C2 PEG CB . -16.09 -10.56 -35.69
O2 PEG CB . -16.72 -9.32 -35.39
C3 PEG CB . -17.83 -9.04 -36.24
C4 PEG CB . -18.15 -7.58 -36.17
O4 PEG CB . -17.27 -6.88 -35.32
C1 PEG DB . -22.01 -13.44 -37.38
O1 PEG DB . -22.67 -14.44 -38.14
C2 PEG DB . -22.90 -12.90 -36.31
O2 PEG DB . -23.85 -13.88 -35.93
C3 PEG DB . -24.93 -13.35 -35.18
C4 PEG DB . -25.42 -14.38 -34.20
O4 PEG DB . -26.79 -14.67 -34.39
N CCN EB . -23.02 -4.83 -20.36
C1 CCN EB . -23.68 -5.33 -21.16
C2 CCN EB . -24.52 -5.97 -22.18
N CCN FB . -7.85 -6.65 -8.85
C1 CCN FB . -7.95 -5.57 -9.26
C2 CCN FB . -8.05 -4.20 -9.76
N CCN GB . 1.55 -39.97 -16.72
C1 CCN GB . 0.40 -39.77 -16.78
C2 CCN GB . -1.03 -39.53 -16.87
ZN ZN HB . -21.96 -8.42 -12.41
ZN ZN IB . -20.30 -15.86 1.19
ZN ZN JB . -14.78 5.70 -27.16
ZN ZN KB . -17.72 11.20 -34.39
ZN ZN LB . -17.68 -26.86 -14.41
S SO4 MB . -22.75 -4.47 -14.06
O1 SO4 MB . -22.16 -4.95 -12.81
O2 SO4 MB . -21.78 -4.63 -15.15
O3 SO4 MB . -23.95 -5.24 -14.36
O4 SO4 MB . -23.10 -3.06 -13.91
ZN ZN NB . -23.52 -19.63 -9.94
C1 ERG OB . -10.00 -28.52 21.01
C2 ERG OB . -8.87 -28.76 20.00
C3 ERG OB . -8.81 -27.62 19.00
C4 ERG OB . -8.57 -26.30 19.71
C5 ERG OB . -9.59 -26.07 20.82
C6 ERG OB . -10.23 -24.90 20.93
C7 ERG OB . -10.86 -24.58 22.16
C8 ERG OB . -11.40 -25.54 22.91
C9 ERG OB . -11.05 -27.01 22.69
C10 ERG OB . -9.78 -27.21 21.80
C11 ERG OB . -10.99 -27.83 23.99
C12 ERG OB . -12.09 -27.50 25.00
C13 ERG OB . -12.12 -26.00 25.32
C14 ERG OB . -12.44 -25.29 23.98
C15 ERG OB . -12.80 -23.85 24.40
C16 ERG OB . -13.34 -23.97 25.84
C17 ERG OB . -13.29 -25.48 26.18
C18 ERG OB . -10.76 -25.54 25.88
C19 ERG OB . -8.52 -27.34 22.67
C20 ERG OB . -13.28 -25.73 27.70
C21 ERG OB . -14.24 -26.84 28.12
C22 ERG OB . -13.56 -24.48 28.47
C23 ERG OB . -14.51 -24.31 29.37
C24 ERG OB . -14.79 -23.05 30.14
C25 ERG OB . -14.38 -23.18 31.63
C26 ERG OB . -12.87 -23.26 31.81
C27 ERG OB . -15.07 -24.36 32.30
C28 ERG OB . -14.11 -21.86 29.45
O1 ERG OB . -7.76 -27.86 18.06
S SO4 PB . -0.72 -32.79 14.91
O1 SO4 PB . -1.18 -34.12 15.26
O2 SO4 PB . 0.44 -32.44 15.72
O3 SO4 PB . -0.33 -32.78 13.50
O4 SO4 PB . -1.78 -31.82 15.15
ZN ZN QB . -24.12 -34.20 17.86
ZN ZN RB . -12.34 -9.96 17.87
ZN ZN SB . 0.75 -32.34 17.75
C1 PEG TB . -38.36 -33.56 48.91
O1 PEG TB . -38.57 -34.03 47.58
C2 PEG TB . -37.19 -32.63 48.97
O2 PEG TB . -36.43 -32.74 47.79
C3 PEG TB . -35.22 -32.00 47.84
C4 PEG TB . -34.58 -31.98 46.49
O4 PEG TB . -35.35 -31.21 45.58
N CCN UB . -22.20 -37.11 14.31
C1 CCN UB . -21.86 -36.38 13.48
C2 CCN UB . -21.44 -35.45 12.43
ZN ZN VB . -29.43 -17.35 13.79
ZN ZN WB . -40.05 -29.91 29.43
ZN ZN XB . 3.23 -29.99 15.01
ZN ZN YB . 9.69 -16.83 23.28
S SO4 ZB . -33.74 -18.47 12.11
O1 SO4 ZB . -33.46 -19.40 13.20
O2 SO4 ZB . -32.51 -17.80 11.71
O3 SO4 ZB . -34.28 -19.19 10.96
O4 SO4 ZB . -34.71 -17.48 12.56
ZN ZN AC . -13.26 -35.32 -4.12
#